data_5JCA
#
_entry.id   5JCA
#
_cell.length_a   179.681
_cell.length_b   179.681
_cell.length_c   80.672
_cell.angle_alpha   90.00
_cell.angle_beta   90.00
_cell.angle_gamma   120.00
#
_symmetry.space_group_name_H-M   'P 32 2 1'
#
loop_
_entity.id
_entity.type
_entity.pdbx_description
1 polymer 'NADH-dependent Ferredoxin:NADP Oxidoreductase (NfnI) subunit alpha'
2 polymer 'NADH-dependent Ferredoxin:NADP Oxidoreductase (NfnI) subunit beta'
3 non-polymer 'IRON/SULFUR CLUSTER'
4 non-polymer 'FLAVIN-ADENINE DINUCLEOTIDE'
5 non-polymer 'NADPH DIHYDRO-NICOTINAMIDE-ADENINE-DINUCLEOTIDE PHOSPHATE'
6 non-polymer GLYCEROL
7 non-polymer 'FE2/S2 (INORGANIC) CLUSTER'
8 non-polymer 'MAGNESIUM ION'
9 water water
#
loop_
_entity_poly.entity_id
_entity_poly.type
_entity_poly.pdbx_seq_one_letter_code
_entity_poly.pdbx_strand_id
1 'polypeptide(L)'
;MPRLIKDRVPTPERSVGERVRDFGEVNLGYSWELALREAERCLQCPVEYAPCIKGCPVHINIPGFIKALRENRDNPSKAV
REALRIIWRDNTLPAITGRVCPQEEQCEGACVVGKVGDPINIGKLERFVADYAREHGIDDELLLEEIKGIKRNGKKVAII
GAGPAGLTCAADLAKMGYEVTIYEALHQPGGVLIYGIPEFRLPKEIVKKELENLRRLGVKIETNVLVGKTITFEELREEY
DAIFIGTGAGTPRIYPWPGVNLNGIYSANEFLTRINLMKAYKFPEYDTPIKVGKRVAVIGGGNTAMDAARSALRLGAEVW
ILYRRTRKEMTAREEEIKHAEEEGVKFMFLVTPKRFIGDENGNLKAIELEKMKLGEPDESGRRRPIPTGETFIMEFDTAI
IAIGQTPNKTFLETVPGLKVDEWGRIVVDENLMTSIPGVFAGGDAIRGEATVILAMGDGRKAAKAIHQYLSKEK
;
L
2 'polypeptide(L)'
;MVVMVMMFKILRKERLAPGINLFEIESPRIAKHAKPGQFVMIRLHEKGERIPLTIADVDISKGSITIVAQEVGKTTRELG
TYEAGDYILDVLGPLGKPSHIDYFGTVVMIGGGVGVAEIYPVAKAMKEKGNYVISILGFRTKDLVFWEDKLRSVSDEVIV
TTNDGSYGMKGFTTHALQKLIEEGRKIDLVHAVGPAIMMKAVAELTKPYGIKTVASLNPIMVDGTGMCGACRVTVGGEVK
FACVDGPEFDAHLVDWDQLMNRLAYYRDLEKISLEKWERERRMV
;
S
#
# COMPACT_ATOMS: atom_id res chain seq x y z
N PRO A 2 0.80 -50.06 3.46
CA PRO A 2 0.21 -49.80 2.14
C PRO A 2 1.29 -49.62 1.08
N ARG A 3 0.92 -49.82 -0.18
CA ARG A 3 1.79 -49.47 -1.30
C ARG A 3 1.60 -47.99 -1.61
N LEU A 4 2.68 -47.34 -2.01
CA LEU A 4 2.66 -45.92 -2.27
C LEU A 4 2.97 -45.64 -3.74
N ILE A 5 2.15 -44.77 -4.35
CA ILE A 5 2.43 -44.21 -5.67
C ILE A 5 3.27 -42.97 -5.38
N LYS A 6 4.54 -43.00 -5.77
CA LYS A 6 5.50 -42.04 -5.26
C LYS A 6 5.59 -40.74 -6.07
N ASP A 7 5.20 -40.75 -7.33
CA ASP A 7 5.28 -39.55 -8.16
C ASP A 7 3.97 -38.78 -8.16
N ARG A 8 4.05 -37.48 -7.96
CA ARG A 8 2.88 -36.60 -8.04
C ARG A 8 2.32 -36.57 -9.46
N VAL A 9 1.00 -36.42 -9.56
CA VAL A 9 0.36 -36.08 -10.84
C VAL A 9 0.68 -34.60 -11.09
N PRO A 10 1.36 -34.25 -12.18
CA PRO A 10 1.75 -32.84 -12.37
C PRO A 10 0.57 -31.97 -12.73
N THR A 11 0.68 -30.71 -12.32
CA THR A 11 -0.23 -29.67 -12.81
C THR A 11 0.38 -29.02 -14.05
N PRO A 12 -0.41 -28.77 -15.09
CA PRO A 12 0.12 -28.05 -16.26
C PRO A 12 0.41 -26.59 -15.95
N GLU A 13 1.42 -26.06 -16.65
CA GLU A 13 1.82 -24.67 -16.52
C GLU A 13 1.98 -24.07 -17.92
N ARG A 14 1.79 -22.77 -17.99
CA ARG A 14 2.05 -22.09 -19.24
C ARG A 14 3.55 -22.08 -19.54
N SER A 15 3.88 -22.04 -20.83
CA SER A 15 5.28 -21.99 -21.22
C SER A 15 5.91 -20.68 -20.74
N VAL A 16 7.21 -20.76 -20.44
CA VAL A 16 7.97 -19.58 -20.04
C VAL A 16 7.86 -18.49 -21.09
N GLY A 17 8.04 -18.85 -22.37
CA GLY A 17 8.09 -17.84 -23.42
C GLY A 17 6.79 -17.05 -23.53
N GLU A 18 5.65 -17.73 -23.36
CA GLU A 18 4.37 -17.05 -23.35
C GLU A 18 4.19 -16.24 -22.07
N ARG A 19 4.49 -16.82 -20.92
CA ARG A 19 4.03 -16.21 -19.68
C ARG A 19 4.88 -15.02 -19.26
N VAL A 20 6.14 -14.92 -19.71
CA VAL A 20 6.92 -13.73 -19.36
C VAL A 20 6.45 -12.49 -20.11
N ARG A 21 5.49 -12.63 -21.02
CA ARG A 21 4.97 -11.51 -21.78
C ARG A 21 3.73 -10.91 -21.14
N ASP A 22 3.29 -11.42 -19.99
CA ASP A 22 2.08 -10.91 -19.36
C ASP A 22 2.14 -11.20 -17.87
N PHE A 23 1.05 -10.85 -17.18
CA PHE A 23 0.87 -11.06 -15.74
C PHE A 23 -0.21 -12.10 -15.45
N GLY A 24 -0.50 -12.96 -16.43
CA GLY A 24 -1.48 -14.01 -16.21
C GLY A 24 -0.94 -15.18 -15.39
N GLU A 25 -1.87 -15.90 -14.78
CA GLU A 25 -1.51 -17.01 -13.90
C GLU A 25 -0.63 -18.03 -14.62
N VAL A 26 0.45 -18.45 -13.94
CA VAL A 26 1.41 -19.38 -14.52
C VAL A 26 0.90 -20.82 -14.45
N ASN A 27 0.47 -21.25 -13.27
CA ASN A 27 0.10 -22.64 -13.06
C ASN A 27 -1.41 -22.77 -13.29
N LEU A 28 -1.77 -23.64 -14.22
CA LEU A 28 -3.16 -23.78 -14.64
C LEU A 28 -3.98 -24.71 -13.75
N GLY A 29 -3.36 -25.35 -12.77
CA GLY A 29 -4.10 -26.18 -11.84
C GLY A 29 -4.56 -27.49 -12.44
N TYR A 30 -5.16 -28.32 -11.60
CA TYR A 30 -5.66 -29.61 -12.03
C TYR A 30 -6.98 -29.46 -12.80
N SER A 31 -7.19 -30.40 -13.71
CA SER A 31 -8.52 -30.74 -14.20
C SER A 31 -9.12 -31.79 -13.26
N TRP A 32 -10.41 -32.04 -13.40
CA TRP A 32 -11.06 -33.09 -12.59
C TRP A 32 -10.33 -34.43 -12.70
N GLU A 33 -9.99 -34.86 -13.92
CA GLU A 33 -9.38 -36.18 -14.10
C GLU A 33 -8.04 -36.27 -13.38
N LEU A 34 -7.23 -35.19 -13.47
CA LEU A 34 -5.93 -35.18 -12.81
C LEU A 34 -6.07 -35.08 -11.31
N ALA A 35 -7.00 -34.25 -10.83
CA ALA A 35 -7.20 -34.12 -9.40
C ALA A 35 -7.62 -35.46 -8.79
N LEU A 36 -8.51 -36.19 -9.46
CA LEU A 36 -8.95 -37.47 -8.92
C LEU A 36 -7.79 -38.46 -8.86
N ARG A 37 -6.96 -38.46 -9.91
CA ARG A 37 -5.78 -39.34 -9.90
C ARG A 37 -4.84 -38.98 -8.74
N GLU A 38 -4.58 -37.70 -8.54
CA GLU A 38 -3.73 -37.32 -7.42
C GLU A 38 -4.37 -37.69 -6.08
N ALA A 39 -5.67 -37.47 -5.94
CA ALA A 39 -6.36 -37.81 -4.70
C ALA A 39 -6.21 -39.29 -4.39
N GLU A 40 -6.14 -40.13 -5.41
CA GLU A 40 -6.02 -41.56 -5.22
C GLU A 40 -4.67 -41.96 -4.61
N ARG A 41 -3.67 -41.08 -4.67
CA ARG A 41 -2.39 -41.39 -4.06
C ARG A 41 -2.45 -41.29 -2.54
N CYS A 42 -3.40 -40.53 -1.99
CA CYS A 42 -3.48 -40.33 -0.55
C CYS A 42 -3.76 -41.66 0.14
N LEU A 43 -3.03 -41.91 1.23
CA LEU A 43 -3.16 -43.15 2.01
C LEU A 43 -4.30 -43.10 3.00
N GLN A 44 -4.99 -41.97 3.13
CA GLN A 44 -6.16 -41.88 3.99
C GLN A 44 -5.79 -42.22 5.44
N CYS A 45 -4.76 -41.56 5.93
CA CYS A 45 -4.36 -41.70 7.32
C CYS A 45 -5.53 -41.30 8.22
N PRO A 46 -5.73 -41.97 9.35
CA PRO A 46 -6.82 -41.57 10.26
C PRO A 46 -6.74 -40.11 10.67
N VAL A 47 -7.90 -39.46 10.73
CA VAL A 47 -7.98 -38.03 11.08
C VAL A 47 -7.27 -37.74 12.39
N GLU A 48 -7.36 -38.67 13.34
CA GLU A 48 -6.77 -38.43 14.67
C GLU A 48 -5.27 -38.64 14.76
N TYR A 49 -4.61 -38.68 13.61
CA TYR A 49 -3.19 -38.98 13.50
C TYR A 49 -2.59 -38.21 12.33
N ALA A 50 -3.41 -37.92 11.31
CA ALA A 50 -2.83 -37.62 9.99
C ALA A 50 -1.84 -36.46 10.07
N PRO A 51 -0.58 -36.65 9.67
CA PRO A 51 0.40 -35.58 9.92
C PRO A 51 0.17 -34.34 9.07
N CYS A 52 -0.43 -34.48 7.89
CA CYS A 52 -0.79 -33.32 7.09
C CYS A 52 -1.73 -32.38 7.85
N ILE A 53 -2.73 -32.95 8.55
CA ILE A 53 -3.65 -32.14 9.35
C ILE A 53 -2.90 -31.35 10.40
N LYS A 54 -1.97 -32.02 11.10
CA LYS A 54 -1.18 -31.32 12.12
C LYS A 54 -0.32 -30.23 11.50
N GLY A 55 0.16 -30.43 10.27
CA GLY A 55 0.97 -29.44 9.59
C GLY A 55 0.21 -28.26 9.00
N CYS A 56 -1.07 -28.42 8.74
CA CYS A 56 -1.89 -27.29 8.31
C CYS A 56 -2.17 -26.39 9.50
N PRO A 57 -1.86 -25.09 9.43
CA PRO A 57 -2.02 -24.26 10.63
C PRO A 57 -3.44 -24.16 11.16
N VAL A 58 -4.47 -24.44 10.35
CA VAL A 58 -5.84 -24.47 10.83
C VAL A 58 -6.41 -25.88 10.84
N HIS A 59 -5.59 -26.89 10.56
CA HIS A 59 -5.98 -28.29 10.75
C HIS A 59 -7.22 -28.69 9.91
N ILE A 60 -7.21 -28.28 8.63
CA ILE A 60 -8.19 -28.78 7.67
C ILE A 60 -8.18 -30.30 7.68
N ASN A 61 -9.37 -30.88 7.55
CA ASN A 61 -9.52 -32.33 7.41
C ASN A 61 -9.16 -32.73 5.99
N ILE A 62 -7.86 -32.85 5.76
CA ILE A 62 -7.29 -33.07 4.42
C ILE A 62 -7.69 -34.45 3.91
N PRO A 63 -7.44 -35.54 4.64
CA PRO A 63 -7.91 -36.84 4.13
C PRO A 63 -9.41 -36.85 3.92
N GLY A 64 -10.17 -36.12 4.73
CA GLY A 64 -11.62 -36.11 4.56
C GLY A 64 -12.05 -35.44 3.26
N PHE A 65 -11.47 -34.29 2.94
CA PHE A 65 -11.89 -33.65 1.70
C PHE A 65 -11.40 -34.44 0.49
N ILE A 66 -10.23 -35.07 0.62
CA ILE A 66 -9.74 -35.93 -0.46
C ILE A 66 -10.66 -37.13 -0.65
N LYS A 67 -11.11 -37.74 0.46
CA LYS A 67 -12.05 -38.85 0.41
C LYS A 67 -13.35 -38.43 -0.27
N ALA A 68 -13.81 -37.21 -0.01
CA ALA A 68 -15.04 -36.76 -0.65
C ALA A 68 -14.90 -36.74 -2.16
N LEU A 69 -13.72 -36.41 -2.67
CA LEU A 69 -13.49 -36.49 -4.11
C LEU A 69 -13.52 -37.94 -4.60
N ARG A 70 -12.82 -38.83 -3.90
CA ARG A 70 -12.71 -40.22 -4.36
C ARG A 70 -14.04 -40.93 -4.30
N GLU A 71 -14.85 -40.65 -3.29
CA GLU A 71 -16.12 -41.36 -3.12
C GLU A 71 -17.17 -40.90 -4.11
N ASN A 72 -16.91 -39.84 -4.86
CA ASN A 72 -17.83 -39.28 -5.84
C ASN A 72 -17.17 -39.17 -7.20
N ARG A 73 -16.36 -40.17 -7.54
CA ARG A 73 -15.63 -40.29 -8.81
C ARG A 73 -16.47 -39.96 -10.04
N ASP A 74 -17.76 -40.25 -9.98
CA ASP A 74 -18.64 -40.13 -11.14
C ASP A 74 -19.53 -38.91 -11.10
N ASN A 75 -19.41 -38.06 -10.09
CA ASN A 75 -20.26 -36.89 -9.98
C ASN A 75 -19.38 -35.76 -9.44
N PRO A 76 -18.63 -35.11 -10.32
CA PRO A 76 -17.69 -34.06 -9.87
C PRO A 76 -18.36 -32.93 -9.09
N SER A 77 -19.59 -32.54 -9.44
CA SER A 77 -20.21 -31.44 -8.71
C SER A 77 -20.52 -31.82 -7.28
N LYS A 78 -21.00 -33.04 -7.06
CA LYS A 78 -21.25 -33.49 -5.71
C LYS A 78 -19.94 -33.68 -4.96
N ALA A 79 -18.93 -34.23 -5.66
CA ALA A 79 -17.62 -34.42 -5.06
C ALA A 79 -17.07 -33.08 -4.56
N VAL A 80 -17.08 -32.08 -5.44
CA VAL A 80 -16.54 -30.76 -5.10
C VAL A 80 -17.37 -30.10 -4.00
N ARG A 81 -18.70 -30.21 -4.07
CA ARG A 81 -19.53 -29.62 -3.02
C ARG A 81 -19.18 -30.21 -1.66
N GLU A 82 -19.04 -31.54 -1.57
CA GLU A 82 -18.77 -32.16 -0.28
C GLU A 82 -17.35 -31.83 0.21
N ALA A 83 -16.40 -31.80 -0.71
CA ALA A 83 -15.02 -31.48 -0.35
C ALA A 83 -14.94 -30.03 0.15
N LEU A 84 -15.60 -29.12 -0.55
CA LEU A 84 -15.56 -27.71 -0.16
C LEU A 84 -16.27 -27.49 1.17
N ARG A 85 -17.39 -28.17 1.40
CA ARG A 85 -18.04 -28.10 2.70
C ARG A 85 -17.06 -28.45 3.81
N ILE A 86 -16.29 -29.53 3.61
CA ILE A 86 -15.32 -29.95 4.63
C ILE A 86 -14.26 -28.86 4.81
N ILE A 87 -13.70 -28.38 3.71
CA ILE A 87 -12.64 -27.37 3.80
C ILE A 87 -13.16 -26.13 4.53
N TRP A 88 -14.36 -25.68 4.17
CA TRP A 88 -14.90 -24.46 4.73
C TRP A 88 -15.18 -24.58 6.22
N ARG A 89 -15.23 -25.78 6.78
CA ARG A 89 -15.31 -25.89 8.24
C ARG A 89 -14.14 -25.23 8.92
N ASP A 90 -12.98 -25.13 8.26
CA ASP A 90 -11.79 -24.57 8.87
C ASP A 90 -11.14 -23.43 8.10
N ASN A 91 -11.44 -23.27 6.81
CA ASN A 91 -10.71 -22.31 5.98
C ASN A 91 -11.65 -21.58 5.04
N THR A 92 -11.71 -20.25 5.17
CA THR A 92 -12.54 -19.39 4.31
C THR A 92 -11.93 -19.15 2.94
N LEU A 93 -10.59 -19.33 2.80
CA LEU A 93 -9.89 -18.88 1.60
C LEU A 93 -9.12 -19.96 0.85
N PRO A 94 -9.72 -21.12 0.60
CA PRO A 94 -8.95 -22.22 -0.03
C PRO A 94 -8.42 -21.94 -1.43
N ALA A 95 -9.12 -21.16 -2.25
CA ALA A 95 -8.56 -20.84 -3.56
C ALA A 95 -7.28 -20.04 -3.45
N ILE A 96 -7.13 -19.28 -2.35
CA ILE A 96 -5.92 -18.51 -2.13
C ILE A 96 -4.85 -19.36 -1.48
N THR A 97 -5.18 -20.04 -0.36
CA THR A 97 -4.16 -20.76 0.38
C THR A 97 -3.63 -21.95 -0.43
N GLY A 98 -4.48 -22.62 -1.19
CA GLY A 98 -3.98 -23.69 -2.03
C GLY A 98 -2.93 -23.20 -3.01
N ARG A 99 -3.04 -21.94 -3.46
CA ARG A 99 -2.07 -21.33 -4.34
C ARG A 99 -0.82 -20.83 -3.62
N VAL A 100 -0.95 -20.24 -2.42
CA VAL A 100 0.16 -19.48 -1.83
C VAL A 100 0.70 -20.03 -0.52
N CYS A 101 0.09 -21.00 0.15
CA CYS A 101 0.74 -21.51 1.34
C CYS A 101 2.14 -22.03 0.99
N PRO A 102 3.11 -21.90 1.91
CA PRO A 102 4.38 -22.60 1.73
C PRO A 102 4.19 -24.04 2.20
N GLN A 103 3.56 -24.84 1.36
CA GLN A 103 3.13 -26.16 1.83
C GLN A 103 4.30 -27.03 2.27
N GLU A 104 5.48 -26.82 1.69
CA GLU A 104 6.65 -27.61 2.09
C GLU A 104 7.00 -27.42 3.56
N GLU A 105 6.52 -26.34 4.19
CA GLU A 105 6.72 -26.07 5.61
C GLU A 105 5.47 -26.38 6.45
N GLN A 106 4.42 -26.91 5.82
CA GLN A 106 3.10 -27.06 6.41
C GLN A 106 2.55 -28.45 6.10
N CYS A 107 1.40 -28.52 5.45
CA CYS A 107 0.72 -29.80 5.23
C CYS A 107 1.57 -30.77 4.42
N GLU A 108 2.11 -30.32 3.27
CA GLU A 108 2.80 -31.24 2.38
C GLU A 108 4.14 -31.69 2.97
N GLY A 109 4.80 -30.78 3.68
CA GLY A 109 6.05 -31.12 4.33
C GLY A 109 5.88 -32.21 5.37
N ALA A 110 4.67 -32.32 5.92
CA ALA A 110 4.37 -33.36 6.90
C ALA A 110 3.83 -34.64 6.29
N CYS A 111 3.36 -34.62 5.05
CA CYS A 111 2.73 -35.79 4.45
C CYS A 111 3.68 -36.98 4.37
N VAL A 112 3.18 -38.16 4.78
CA VAL A 112 4.01 -39.36 4.83
C VAL A 112 4.57 -39.75 3.45
N VAL A 113 3.79 -39.52 2.38
CA VAL A 113 4.26 -39.92 1.06
C VAL A 113 5.50 -39.12 0.66
N GLY A 114 5.65 -37.90 1.17
CA GLY A 114 6.83 -37.12 0.84
C GLY A 114 8.10 -37.63 1.47
N LYS A 115 8.02 -38.61 2.37
CA LYS A 115 9.24 -39.20 2.92
C LYS A 115 9.91 -40.16 1.94
N VAL A 116 9.17 -40.65 0.95
CA VAL A 116 9.73 -41.60 -0.02
C VAL A 116 9.57 -41.14 -1.45
N GLY A 117 8.84 -40.09 -1.67
CA GLY A 117 8.59 -39.61 -3.00
C GLY A 117 8.01 -38.23 -2.88
N ASP A 118 7.02 -37.92 -3.74
CA ASP A 118 6.39 -36.60 -3.71
C ASP A 118 5.22 -36.61 -2.73
N PRO A 119 5.10 -35.64 -1.82
CA PRO A 119 3.91 -35.60 -0.97
C PRO A 119 2.66 -35.40 -1.81
N ILE A 120 1.53 -35.76 -1.22
CA ILE A 120 0.26 -35.45 -1.86
C ILE A 120 0.24 -33.96 -2.13
N ASN A 121 -0.25 -33.59 -3.32
CA ASN A 121 -0.28 -32.20 -3.78
C ASN A 121 -1.51 -31.50 -3.19
N ILE A 122 -1.48 -31.40 -1.86
CA ILE A 122 -2.64 -30.97 -1.09
C ILE A 122 -3.07 -29.58 -1.50
N GLY A 123 -2.13 -28.66 -1.61
CA GLY A 123 -2.49 -27.29 -2.00
C GLY A 123 -3.18 -27.23 -3.35
N LYS A 124 -2.67 -27.95 -4.33
CA LYS A 124 -3.33 -27.95 -5.64
C LYS A 124 -4.67 -28.66 -5.61
N LEU A 125 -4.85 -29.67 -4.75
CA LEU A 125 -6.18 -30.28 -4.60
C LEU A 125 -7.15 -29.32 -3.94
N GLU A 126 -6.70 -28.62 -2.90
CA GLU A 126 -7.55 -27.62 -2.24
C GLU A 126 -7.93 -26.52 -3.23
N ARG A 127 -6.94 -26.05 -3.98
CA ARG A 127 -7.16 -25.05 -5.02
C ARG A 127 -8.16 -25.56 -6.03
N PHE A 128 -8.00 -26.79 -6.48
CA PHE A 128 -8.90 -27.36 -7.47
C PHE A 128 -10.34 -27.35 -6.96
N VAL A 129 -10.55 -27.80 -5.73
CA VAL A 129 -11.89 -27.84 -5.17
C VAL A 129 -12.48 -26.42 -5.19
N ALA A 130 -11.73 -25.44 -4.70
CA ALA A 130 -12.27 -24.09 -4.65
C ALA A 130 -12.51 -23.51 -6.05
N ASP A 131 -11.56 -23.70 -6.97
CA ASP A 131 -11.69 -23.17 -8.33
C ASP A 131 -12.86 -23.81 -9.06
N TYR A 132 -12.94 -25.15 -9.05
CA TYR A 132 -14.05 -25.82 -9.71
C TYR A 132 -15.37 -25.36 -9.12
N ALA A 133 -15.44 -25.26 -7.79
CA ALA A 133 -16.67 -24.80 -7.16
C ALA A 133 -17.05 -23.40 -7.66
N ARG A 134 -16.06 -22.50 -7.74
CA ARG A 134 -16.33 -21.13 -8.19
C ARG A 134 -16.81 -21.10 -9.63
N GLU A 135 -16.16 -21.88 -10.50
CA GLU A 135 -16.54 -21.95 -11.91
C GLU A 135 -17.92 -22.54 -12.10
N HIS A 136 -18.41 -23.35 -11.17
CA HIS A 136 -19.71 -24.00 -11.35
C HIS A 136 -20.79 -23.47 -10.41
N GLY A 137 -20.53 -22.40 -9.66
CA GLY A 137 -21.53 -21.87 -8.73
C GLY A 137 -21.80 -22.74 -7.52
N ILE A 138 -20.93 -23.73 -7.24
CA ILE A 138 -21.14 -24.62 -6.12
C ILE A 138 -20.84 -23.90 -4.80
N ASP A 139 -19.82 -23.05 -4.82
CA ASP A 139 -19.53 -22.23 -3.63
C ASP A 139 -20.70 -21.32 -3.30
N ASP A 140 -21.30 -20.70 -4.33
CA ASP A 140 -22.50 -19.89 -4.10
C ASP A 140 -23.61 -20.72 -3.47
N GLU A 141 -23.78 -21.97 -3.92
CA GLU A 141 -24.77 -22.83 -3.27
C GLU A 141 -24.51 -22.98 -1.79
N LEU A 142 -23.25 -23.27 -1.41
CA LEU A 142 -22.97 -23.48 0.00
C LEU A 142 -23.11 -22.17 0.79
N LEU A 143 -22.73 -21.05 0.18
CA LEU A 143 -22.83 -19.75 0.82
C LEU A 143 -24.28 -19.38 1.05
N LEU A 144 -25.16 -19.63 0.06
CA LEU A 144 -26.57 -19.32 0.24
C LEU A 144 -27.16 -20.17 1.34
N GLU A 145 -26.68 -21.42 1.46
CA GLU A 145 -27.08 -22.24 2.58
C GLU A 145 -26.69 -21.63 3.92
N GLU A 146 -25.49 -21.05 3.99
CA GLU A 146 -25.09 -20.36 5.23
C GLU A 146 -25.96 -19.12 5.48
N ILE A 147 -26.25 -18.37 4.42
CA ILE A 147 -26.99 -17.12 4.53
C ILE A 147 -28.38 -17.38 5.08
N LYS A 148 -29.01 -18.48 4.68
CA LYS A 148 -30.35 -18.81 5.20
C LYS A 148 -30.36 -18.93 6.71
N GLY A 149 -29.26 -19.38 7.30
CA GLY A 149 -29.18 -19.61 8.72
C GLY A 149 -28.83 -18.39 9.56
N ILE A 150 -28.66 -17.23 8.95
CA ILE A 150 -28.25 -16.03 9.70
C ILE A 150 -29.45 -15.52 10.49
N LYS A 151 -29.24 -15.28 11.77
CA LYS A 151 -30.23 -14.65 12.64
C LYS A 151 -29.63 -13.34 13.16
N ARG A 152 -30.09 -12.22 12.62
CA ARG A 152 -29.53 -10.93 13.00
C ARG A 152 -29.70 -10.68 14.49
N ASN A 153 -28.62 -10.18 15.13
CA ASN A 153 -28.62 -9.95 16.56
C ASN A 153 -28.63 -8.48 16.95
N GLY A 154 -28.56 -7.56 15.99
CA GLY A 154 -28.68 -6.16 16.31
C GLY A 154 -27.39 -5.47 16.73
N LYS A 155 -26.27 -6.21 16.81
CA LYS A 155 -25.03 -5.60 17.27
C LYS A 155 -24.09 -5.32 16.10
N LYS A 156 -23.26 -4.31 16.27
CA LYS A 156 -22.43 -3.78 15.20
C LYS A 156 -20.96 -4.00 15.53
N VAL A 157 -20.21 -4.47 14.56
CA VAL A 157 -18.78 -4.66 14.73
C VAL A 157 -18.04 -3.98 13.59
N ALA A 158 -16.95 -3.27 13.92
CA ALA A 158 -16.08 -2.65 12.94
C ALA A 158 -14.81 -3.44 12.75
N ILE A 159 -14.39 -3.57 11.50
CA ILE A 159 -13.15 -4.23 11.12
C ILE A 159 -12.25 -3.15 10.54
N ILE A 160 -11.02 -3.06 11.02
CA ILE A 160 -10.04 -2.12 10.49
C ILE A 160 -9.05 -2.90 9.64
N GLY A 161 -9.14 -2.70 8.34
CA GLY A 161 -8.28 -3.37 7.38
C GLY A 161 -8.99 -4.50 6.65
N ALA A 162 -8.83 -4.54 5.33
CA ALA A 162 -9.53 -5.48 4.47
C ALA A 162 -8.56 -6.45 3.79
N GLY A 163 -7.58 -6.94 4.55
CA GLY A 163 -6.76 -8.05 4.13
C GLY A 163 -7.42 -9.36 4.53
N PRO A 164 -6.70 -10.47 4.35
CA PRO A 164 -7.33 -11.77 4.69
C PRO A 164 -7.84 -11.86 6.12
N ALA A 165 -7.16 -11.26 7.10
CA ALA A 165 -7.67 -11.34 8.47
C ALA A 165 -9.01 -10.63 8.61
N GLY A 166 -9.07 -9.38 8.16
CA GLY A 166 -10.31 -8.61 8.29
C GLY A 166 -11.45 -9.16 7.46
N LEU A 167 -11.16 -9.58 6.20
CA LEU A 167 -12.21 -10.14 5.35
C LEU A 167 -12.77 -11.41 5.98
N THR A 168 -11.90 -12.25 6.53
CA THR A 168 -12.34 -13.51 7.13
C THR A 168 -13.16 -13.25 8.39
N CYS A 169 -12.66 -12.37 9.27
CA CYS A 169 -13.37 -12.04 10.49
C CYS A 169 -14.76 -11.51 10.15
N ALA A 170 -14.84 -10.60 9.17
CA ALA A 170 -16.11 -10.01 8.78
C ALA A 170 -17.10 -11.05 8.33
N ALA A 171 -16.66 -12.00 7.48
CA ALA A 171 -17.60 -12.99 6.97
C ALA A 171 -18.14 -13.86 8.11
N ASP A 172 -17.26 -14.28 9.02
CA ASP A 172 -17.70 -15.12 10.13
C ASP A 172 -18.65 -14.38 11.05
N LEU A 173 -18.35 -13.12 11.37
CA LEU A 173 -19.26 -12.33 12.19
C LEU A 173 -20.60 -12.16 11.51
N ALA A 174 -20.60 -11.92 10.20
CA ALA A 174 -21.89 -11.79 9.50
C ALA A 174 -22.70 -13.07 9.61
N LYS A 175 -22.04 -14.22 9.49
CA LYS A 175 -22.77 -15.49 9.63
C LYS A 175 -23.33 -15.65 11.03
N MET A 176 -22.70 -15.04 12.03
CA MET A 176 -23.20 -15.07 13.40
C MET A 176 -24.29 -14.05 13.67
N GLY A 177 -24.66 -13.20 12.70
CA GLY A 177 -25.75 -12.26 12.87
C GLY A 177 -25.35 -10.84 13.13
N TYR A 178 -24.06 -10.53 13.16
CA TYR A 178 -23.62 -9.17 13.44
C TYR A 178 -23.74 -8.30 12.19
N GLU A 179 -23.90 -7.00 12.43
CA GLU A 179 -23.89 -5.99 11.36
C GLU A 179 -22.46 -5.48 11.28
N VAL A 180 -21.75 -5.82 10.21
CA VAL A 180 -20.31 -5.60 10.09
C VAL A 180 -20.01 -4.53 9.06
N THR A 181 -19.08 -3.63 9.40
CA THR A 181 -18.50 -2.69 8.47
C THR A 181 -16.99 -2.84 8.50
N ILE A 182 -16.39 -2.95 7.32
CA ILE A 182 -14.94 -2.97 7.16
C ILE A 182 -14.50 -1.61 6.68
N TYR A 183 -13.48 -1.06 7.33
CA TYR A 183 -12.87 0.19 6.92
C TYR A 183 -11.50 -0.12 6.36
N GLU A 184 -11.23 0.38 5.14
CA GLU A 184 -10.01 0.10 4.42
C GLU A 184 -9.41 1.39 3.90
N ALA A 185 -8.10 1.58 4.11
CA ALA A 185 -7.44 2.84 3.74
C ALA A 185 -7.25 2.97 2.24
N LEU A 186 -6.93 1.90 1.54
CA LEU A 186 -6.69 1.98 0.10
C LEU A 186 -8.03 2.05 -0.63
N HIS A 187 -7.95 2.24 -1.95
CA HIS A 187 -9.15 2.41 -2.74
C HIS A 187 -9.81 1.10 -3.16
N GLN A 188 -9.17 -0.03 -2.86
CA GLN A 188 -9.72 -1.35 -3.12
C GLN A 188 -9.37 -2.19 -1.92
N PRO A 189 -10.25 -3.12 -1.52
CA PRO A 189 -9.92 -4.08 -0.47
C PRO A 189 -9.09 -5.25 -1.00
N GLY A 190 -8.54 -5.98 -0.04
CA GLY A 190 -7.76 -7.16 -0.31
C GLY A 190 -6.41 -7.19 0.37
N GLY A 191 -5.91 -6.05 0.81
CA GLY A 191 -4.61 -6.04 1.45
C GLY A 191 -3.54 -6.58 0.54
N VAL A 192 -2.61 -7.34 1.11
CA VAL A 192 -1.52 -7.88 0.31
C VAL A 192 -2.05 -8.67 -0.87
N LEU A 193 -3.23 -9.28 -0.73
CA LEU A 193 -3.80 -10.08 -1.82
C LEU A 193 -4.07 -9.26 -3.08
N ILE A 194 -4.24 -7.94 -2.95
CA ILE A 194 -4.55 -7.08 -4.08
C ILE A 194 -3.35 -6.26 -4.51
N TYR A 195 -2.54 -5.74 -3.56
CA TYR A 195 -1.42 -4.88 -3.95
C TYR A 195 -0.06 -5.56 -3.96
N GLY A 196 0.10 -6.70 -3.26
CA GLY A 196 1.40 -7.31 -3.06
C GLY A 196 1.68 -8.52 -3.94
N ILE A 197 0.86 -9.55 -3.82
CA ILE A 197 1.07 -10.79 -4.57
C ILE A 197 0.57 -10.58 -6.00
N PRO A 198 1.41 -10.74 -7.03
CA PRO A 198 0.97 -10.47 -8.40
C PRO A 198 -0.01 -11.49 -8.94
N GLU A 199 -0.68 -11.05 -10.00
CA GLU A 199 -1.68 -11.84 -10.71
C GLU A 199 -1.10 -13.11 -11.30
N PHE A 200 0.21 -13.18 -11.54
CA PHE A 200 0.77 -14.40 -12.12
C PHE A 200 0.79 -15.54 -11.11
N ARG A 201 0.51 -15.28 -9.85
CA ARG A 201 0.22 -16.39 -8.95
C ARG A 201 -1.05 -16.26 -8.15
N LEU A 202 -1.66 -15.08 -8.05
CA LEU A 202 -2.94 -14.92 -7.36
C LEU A 202 -3.83 -14.03 -8.21
N PRO A 203 -4.64 -14.60 -9.10
CA PRO A 203 -5.51 -13.78 -9.95
C PRO A 203 -6.50 -12.97 -9.14
N LYS A 204 -6.70 -11.70 -9.56
CA LYS A 204 -7.58 -10.80 -8.80
C LYS A 204 -9.02 -11.35 -8.72
N GLU A 205 -9.45 -12.15 -9.71
CA GLU A 205 -10.79 -12.75 -9.65
C GLU A 205 -11.03 -13.53 -8.37
N ILE A 206 -9.99 -14.14 -7.81
CA ILE A 206 -10.15 -14.95 -6.61
C ILE A 206 -10.46 -14.07 -5.42
N VAL A 207 -9.87 -12.88 -5.36
CA VAL A 207 -10.12 -11.95 -4.27
C VAL A 207 -11.47 -11.29 -4.44
N LYS A 208 -11.78 -10.91 -5.69
CA LYS A 208 -13.06 -10.29 -5.98
C LYS A 208 -14.21 -11.22 -5.63
N LYS A 209 -14.03 -12.53 -5.81
CA LYS A 209 -15.09 -13.45 -5.40
C LYS A 209 -15.42 -13.29 -3.91
N GLU A 210 -14.39 -13.15 -3.07
CA GLU A 210 -14.63 -13.00 -1.64
C GLU A 210 -15.38 -11.71 -1.36
N LEU A 211 -15.09 -10.66 -2.12
CA LEU A 211 -15.80 -9.39 -1.94
C LEU A 211 -17.25 -9.52 -2.35
N GLU A 212 -17.52 -10.28 -3.42
CA GLU A 212 -18.90 -10.57 -3.78
C GLU A 212 -19.59 -11.37 -2.67
N ASN A 213 -18.90 -12.35 -2.08
CA ASN A 213 -19.47 -13.11 -0.98
C ASN A 213 -19.84 -12.18 0.19
N LEU A 214 -18.95 -11.24 0.50
CA LEU A 214 -19.21 -10.29 1.58
C LEU A 214 -20.43 -9.43 1.29
N ARG A 215 -20.59 -9.00 0.03
CA ARG A 215 -21.79 -8.28 -0.38
C ARG A 215 -23.03 -9.10 -0.09
N ARG A 216 -23.02 -10.39 -0.47
CA ARG A 216 -24.19 -11.24 -0.23
C ARG A 216 -24.45 -11.46 1.25
N LEU A 217 -23.40 -11.47 2.09
CA LEU A 217 -23.52 -11.65 3.52
C LEU A 217 -23.96 -10.37 4.23
N GLY A 218 -24.06 -9.28 3.52
CA GLY A 218 -24.55 -8.04 4.10
C GLY A 218 -23.48 -7.23 4.79
N VAL A 219 -22.23 -7.50 4.50
CA VAL A 219 -21.12 -6.72 5.06
C VAL A 219 -20.94 -5.48 4.22
N LYS A 220 -20.70 -4.35 4.89
CA LYS A 220 -20.42 -3.08 4.25
C LYS A 220 -18.91 -2.87 4.24
N ILE A 221 -18.37 -2.39 3.12
CA ILE A 221 -16.95 -2.08 2.98
C ILE A 221 -16.82 -0.61 2.62
N GLU A 222 -16.10 0.12 3.44
CA GLU A 222 -15.83 1.53 3.23
C GLU A 222 -14.36 1.68 2.91
N THR A 223 -14.06 1.95 1.64
CA THR A 223 -12.72 2.23 1.19
C THR A 223 -12.38 3.71 1.37
N ASN A 224 -11.10 4.03 1.19
CA ASN A 224 -10.62 5.41 1.39
C ASN A 224 -10.88 5.89 2.82
N VAL A 225 -10.75 4.99 3.79
CA VAL A 225 -10.87 5.35 5.20
C VAL A 225 -9.59 4.92 5.91
N LEU A 226 -8.74 5.90 6.24
CA LEU A 226 -7.54 5.64 7.01
C LEU A 226 -7.92 5.82 8.47
N VAL A 227 -8.15 4.71 9.18
CA VAL A 227 -8.55 4.85 10.57
C VAL A 227 -7.40 5.45 11.35
N GLY A 228 -7.74 6.40 12.23
CA GLY A 228 -6.80 7.28 12.89
C GLY A 228 -6.77 8.68 12.30
N LYS A 229 -7.22 8.83 11.05
CA LYS A 229 -7.25 10.12 10.39
C LYS A 229 -8.65 10.43 9.86
N THR A 230 -9.15 9.59 8.94
CA THR A 230 -10.46 9.80 8.34
C THR A 230 -11.58 9.64 9.37
N ILE A 231 -11.47 8.61 10.22
CA ILE A 231 -12.33 8.35 11.37
C ILE A 231 -11.39 8.04 12.52
N THR A 232 -11.67 8.55 13.70
CA THR A 232 -10.80 8.26 14.82
C THR A 232 -11.20 6.95 15.48
N PHE A 233 -10.24 6.39 16.20
CA PHE A 233 -10.53 5.17 16.93
C PHE A 233 -11.62 5.39 17.97
N GLU A 234 -11.62 6.54 18.65
CA GLU A 234 -12.67 6.82 19.61
C GLU A 234 -14.04 6.94 18.97
N GLU A 235 -14.13 7.48 17.74
CA GLU A 235 -15.40 7.50 17.04
C GLU A 235 -15.90 6.08 16.79
N LEU A 236 -14.99 5.17 16.40
CA LEU A 236 -15.41 3.76 16.23
C LEU A 236 -15.88 3.14 17.53
N ARG A 237 -15.17 3.42 18.63
CA ARG A 237 -15.57 2.81 19.91
C ARG A 237 -16.95 3.30 20.34
N GLU A 238 -17.28 4.55 20.02
CA GLU A 238 -18.60 5.07 20.37
C GLU A 238 -19.69 4.42 19.53
N GLU A 239 -19.42 4.14 18.25
CA GLU A 239 -20.46 3.63 17.35
C GLU A 239 -20.61 2.11 17.36
N TYR A 240 -19.55 1.37 17.68
CA TYR A 240 -19.53 -0.08 17.49
C TYR A 240 -19.45 -0.81 18.83
N ASP A 241 -20.01 -2.02 18.84
CA ASP A 241 -20.00 -2.85 20.04
C ASP A 241 -18.68 -3.58 20.21
N ALA A 242 -17.95 -3.82 19.13
CA ALA A 242 -16.62 -4.39 19.18
C ALA A 242 -15.87 -3.96 17.94
N ILE A 243 -14.55 -4.10 17.99
CA ILE A 243 -13.66 -3.76 16.88
C ILE A 243 -12.61 -4.85 16.71
N PHE A 244 -12.30 -5.19 15.46
CA PHE A 244 -11.19 -6.08 15.13
C PHE A 244 -10.17 -5.29 14.33
N ILE A 245 -8.93 -5.30 14.77
CA ILE A 245 -7.83 -4.62 14.10
C ILE A 245 -7.08 -5.64 13.26
N GLY A 246 -7.14 -5.47 11.94
CA GLY A 246 -6.48 -6.32 10.97
C GLY A 246 -5.61 -5.51 10.02
N THR A 247 -4.74 -4.67 10.57
CA THR A 247 -4.02 -3.64 9.83
C THR A 247 -2.70 -4.10 9.26
N GLY A 248 -2.35 -5.38 9.40
CA GLY A 248 -1.19 -5.95 8.75
C GLY A 248 0.14 -5.37 9.20
N ALA A 249 1.13 -5.55 8.33
CA ALA A 249 2.50 -5.10 8.54
C ALA A 249 2.96 -4.46 7.22
N GLY A 250 2.50 -3.27 6.99
CA GLY A 250 2.56 -2.70 5.66
C GLY A 250 3.63 -1.67 5.40
N THR A 251 4.58 -1.40 6.36
CA THR A 251 5.63 -0.38 6.22
C THR A 251 6.90 -1.07 5.77
N PRO A 252 7.67 -0.54 4.85
CA PRO A 252 8.89 -1.24 4.43
C PRO A 252 10.00 -1.08 5.44
N ARG A 253 10.75 -2.15 5.64
CA ARG A 253 12.00 -2.06 6.36
C ARG A 253 13.05 -1.50 5.40
N ILE A 254 13.72 -0.41 5.78
CA ILE A 254 14.79 0.11 4.94
C ILE A 254 16.05 0.28 5.76
N TYR A 255 17.04 -0.27 5.34
CA TYR A 255 18.34 -0.25 5.97
C TYR A 255 19.07 1.00 5.51
N PRO A 256 19.84 1.64 6.37
CA PRO A 256 20.46 2.94 6.01
C PRO A 256 21.71 2.77 5.14
N TRP A 257 21.52 2.18 3.96
CA TRP A 257 22.59 2.13 2.98
C TRP A 257 22.81 3.51 2.40
N PRO A 258 24.04 4.01 2.33
CA PRO A 258 24.28 5.22 1.53
C PRO A 258 23.78 5.05 0.11
N GLY A 259 23.15 6.10 -0.41
CA GLY A 259 22.65 6.13 -1.77
C GLY A 259 21.26 5.56 -1.97
N VAL A 260 20.56 5.14 -0.90
CA VAL A 260 19.27 4.47 -1.04
C VAL A 260 18.19 5.37 -1.62
N ASN A 261 18.40 6.70 -1.68
CA ASN A 261 17.41 7.60 -2.24
C ASN A 261 17.74 7.98 -3.68
N LEU A 262 18.75 7.36 -4.30
CA LEU A 262 18.99 7.56 -5.72
C LEU A 262 17.76 7.16 -6.54
N ASN A 263 17.59 7.81 -7.68
CA ASN A 263 16.51 7.42 -8.57
C ASN A 263 16.75 6.02 -9.09
N GLY A 264 15.67 5.27 -9.26
CA GLY A 264 15.71 3.89 -9.70
C GLY A 264 15.70 2.89 -8.57
N ILE A 265 15.64 3.34 -7.33
CA ILE A 265 15.55 2.47 -6.16
C ILE A 265 14.13 2.53 -5.62
N TYR A 266 13.48 1.38 -5.57
CA TYR A 266 12.12 1.28 -5.06
C TYR A 266 12.10 0.34 -3.86
N SER A 267 11.23 0.61 -2.89
CA SER A 267 10.84 -0.47 -2.00
C SER A 267 10.02 -1.48 -2.80
N ALA A 268 10.03 -2.74 -2.38
CA ALA A 268 9.15 -3.69 -3.01
C ALA A 268 7.69 -3.28 -2.88
N ASN A 269 7.29 -2.70 -1.73
CA ASN A 269 5.89 -2.28 -1.61
C ASN A 269 5.54 -1.25 -2.67
N GLU A 270 6.42 -0.28 -2.95
CA GLU A 270 6.09 0.70 -3.98
C GLU A 270 6.01 0.05 -5.35
N PHE A 271 7.02 -0.75 -5.67
CA PHE A 271 7.09 -1.38 -6.98
C PHE A 271 5.86 -2.25 -7.22
N LEU A 272 5.56 -3.12 -6.25
CA LEU A 272 4.43 -4.04 -6.36
C LEU A 272 3.10 -3.30 -6.34
N THR A 273 2.97 -2.25 -5.52
CA THR A 273 1.71 -1.50 -5.54
C THR A 273 1.47 -0.87 -6.91
N ARG A 274 2.51 -0.28 -7.49
CA ARG A 274 2.38 0.30 -8.82
C ARG A 274 1.97 -0.75 -9.83
N ILE A 275 2.64 -1.90 -9.82
CA ILE A 275 2.34 -2.99 -10.76
C ILE A 275 0.94 -3.56 -10.54
N ASN A 276 0.66 -3.97 -9.30
CA ASN A 276 -0.51 -4.81 -9.03
C ASN A 276 -1.76 -4.00 -8.81
N LEU A 277 -1.69 -2.98 -7.95
CA LEU A 277 -2.86 -2.19 -7.63
C LEU A 277 -3.13 -1.19 -8.74
N MET A 278 -2.08 -0.53 -9.22
CA MET A 278 -2.26 0.55 -10.18
C MET A 278 -2.10 0.12 -11.62
N LYS A 279 -1.80 -1.15 -11.86
CA LYS A 279 -1.67 -1.70 -13.21
C LYS A 279 -0.67 -0.93 -14.07
N ALA A 280 0.45 -0.54 -13.46
CA ALA A 280 1.47 0.22 -14.19
C ALA A 280 2.10 -0.57 -15.33
N TYR A 281 2.03 -1.90 -15.30
CA TYR A 281 2.51 -2.67 -16.43
C TYR A 281 1.69 -2.46 -17.69
N LYS A 282 0.51 -1.85 -17.56
CA LYS A 282 -0.34 -1.50 -18.68
C LYS A 282 -0.24 -0.02 -19.01
N PHE A 283 0.74 0.69 -18.44
CA PHE A 283 0.93 2.09 -18.84
C PHE A 283 1.22 2.15 -20.34
N PRO A 284 0.67 3.13 -21.08
CA PRO A 284 -0.15 4.26 -20.64
C PRO A 284 -1.65 4.06 -20.76
N GLU A 285 -2.12 2.84 -20.99
CA GLU A 285 -3.55 2.60 -20.87
C GLU A 285 -4.04 2.96 -19.48
N TYR A 286 -3.27 2.56 -18.46
CA TYR A 286 -3.44 3.05 -17.10
C TYR A 286 -2.43 4.16 -16.87
N ASP A 287 -2.78 5.09 -15.98
CA ASP A 287 -2.04 6.34 -15.87
C ASP A 287 -0.82 6.26 -14.96
N THR A 288 -0.72 5.30 -14.04
CA THR A 288 0.42 5.24 -13.13
C THR A 288 1.65 4.72 -13.87
N PRO A 289 2.76 5.46 -13.90
CA PRO A 289 3.96 4.96 -14.56
C PRO A 289 4.77 4.01 -13.67
N ILE A 290 5.66 3.29 -14.32
CA ILE A 290 6.71 2.54 -13.63
C ILE A 290 7.92 2.52 -14.54
N LYS A 291 9.11 2.52 -13.96
CA LYS A 291 10.34 2.63 -14.74
C LYS A 291 11.32 1.57 -14.27
N VAL A 292 11.75 0.70 -15.18
CA VAL A 292 12.88 -0.20 -14.93
C VAL A 292 13.91 0.04 -16.02
N GLY A 293 15.17 -0.04 -15.63
CA GLY A 293 16.27 0.06 -16.58
C GLY A 293 16.57 -1.29 -17.20
N LYS A 294 17.74 -1.37 -17.84
CA LYS A 294 18.09 -2.62 -18.49
C LYS A 294 18.44 -3.72 -17.49
N ARG A 295 19.00 -3.35 -16.34
CA ARG A 295 19.40 -4.34 -15.34
C ARG A 295 18.88 -3.95 -13.96
N VAL A 296 18.16 -4.89 -13.35
CA VAL A 296 17.46 -4.68 -12.08
C VAL A 296 18.07 -5.61 -11.04
N ALA A 297 18.35 -5.08 -9.86
CA ALA A 297 18.73 -5.86 -8.70
C ALA A 297 17.55 -5.91 -7.73
N VAL A 298 17.25 -7.08 -7.19
CA VAL A 298 16.26 -7.22 -6.12
C VAL A 298 16.98 -7.76 -4.90
N ILE A 299 16.89 -7.03 -3.79
CA ILE A 299 17.62 -7.33 -2.56
C ILE A 299 16.69 -8.13 -1.65
N GLY A 300 17.03 -9.40 -1.42
CA GLY A 300 16.29 -10.25 -0.50
C GLY A 300 16.03 -11.61 -1.09
N GLY A 301 15.35 -12.46 -0.29
CA GLY A 301 15.19 -13.85 -0.67
C GLY A 301 13.84 -14.46 -0.32
N GLY A 302 12.88 -13.62 0.03
CA GLY A 302 11.56 -14.09 0.37
C GLY A 302 10.58 -13.97 -0.78
N ASN A 303 9.31 -14.21 -0.46
CA ASN A 303 8.28 -14.14 -1.49
C ASN A 303 8.21 -12.74 -2.10
N THR A 304 8.37 -11.70 -1.28
CA THR A 304 8.31 -10.35 -1.80
C THR A 304 9.40 -10.14 -2.85
N ALA A 305 10.62 -10.60 -2.56
CA ALA A 305 11.70 -10.48 -3.51
C ALA A 305 11.37 -11.23 -4.80
N MET A 306 10.87 -12.47 -4.68
CA MET A 306 10.55 -13.24 -5.89
C MET A 306 9.50 -12.54 -6.73
N ASP A 307 8.45 -12.02 -6.09
CA ASP A 307 7.38 -11.32 -6.80
C ASP A 307 7.93 -10.07 -7.49
N ALA A 308 8.77 -9.30 -6.80
CA ALA A 308 9.35 -8.11 -7.43
C ALA A 308 10.24 -8.48 -8.63
N ALA A 309 11.08 -9.51 -8.45
CA ALA A 309 11.98 -9.92 -9.53
C ALA A 309 11.20 -10.39 -10.75
N ARG A 310 10.17 -11.23 -10.54
CA ARG A 310 9.41 -11.76 -11.66
C ARG A 310 8.56 -10.70 -12.33
N SER A 311 8.11 -9.69 -11.57
CA SER A 311 7.41 -8.56 -12.16
C SER A 311 8.36 -7.71 -13.01
N ALA A 312 9.55 -7.42 -12.49
CA ALA A 312 10.51 -6.63 -13.25
C ALA A 312 10.91 -7.33 -14.53
N LEU A 313 11.04 -8.66 -14.47
CA LEU A 313 11.37 -9.44 -15.65
C LEU A 313 10.29 -9.27 -16.72
N ARG A 314 9.02 -9.27 -16.29
CA ARG A 314 7.92 -9.07 -17.22
C ARG A 314 7.90 -7.68 -17.82
N LEU A 315 8.59 -6.72 -17.20
CA LEU A 315 8.72 -5.40 -17.84
C LEU A 315 9.90 -5.33 -18.81
N GLY A 316 10.64 -6.42 -18.99
CA GLY A 316 11.68 -6.49 -20.01
C GLY A 316 13.10 -6.42 -19.51
N ALA A 317 13.33 -6.35 -18.22
CA ALA A 317 14.67 -6.16 -17.71
C ALA A 317 15.38 -7.49 -17.53
N GLU A 318 16.71 -7.42 -17.48
CA GLU A 318 17.51 -8.50 -16.92
C GLU A 318 17.46 -8.30 -15.41
N VAL A 319 17.16 -9.37 -14.66
CA VAL A 319 16.85 -9.25 -13.24
C VAL A 319 17.74 -10.20 -12.43
N TRP A 320 18.33 -9.68 -11.37
CA TRP A 320 19.15 -10.43 -10.43
C TRP A 320 18.53 -10.37 -9.04
N ILE A 321 18.36 -11.54 -8.41
CA ILE A 321 18.18 -11.62 -6.97
C ILE A 321 19.56 -11.57 -6.32
N LEU A 322 19.74 -10.66 -5.37
CA LEU A 322 20.98 -10.53 -4.60
C LEU A 322 20.60 -10.88 -3.18
N TYR A 323 21.06 -12.05 -2.71
CA TYR A 323 20.61 -12.59 -1.45
C TYR A 323 21.81 -12.91 -0.58
N ARG A 324 21.68 -12.62 0.72
CA ARG A 324 22.84 -12.68 1.59
C ARG A 324 23.16 -14.09 2.10
N ARG A 325 22.30 -15.08 1.92
CA ARG A 325 22.64 -16.46 2.24
C ARG A 325 22.72 -17.27 0.95
N THR A 326 22.44 -18.58 1.02
CA THR A 326 22.43 -19.41 -0.17
C THR A 326 21.02 -19.89 -0.46
N ARG A 327 20.89 -20.59 -1.59
CA ARG A 327 19.60 -21.08 -2.04
C ARG A 327 18.85 -21.78 -0.89
N LYS A 328 19.58 -22.64 -0.15
CA LYS A 328 18.98 -23.45 0.89
C LYS A 328 18.25 -22.61 1.93
N GLU A 329 18.73 -21.40 2.22
CA GLU A 329 18.15 -20.60 3.29
C GLU A 329 17.01 -19.69 2.80
N MET A 330 16.80 -19.56 1.49
CA MET A 330 15.77 -18.62 1.03
C MET A 330 14.41 -19.00 1.60
N THR A 331 13.59 -17.98 1.88
CA THR A 331 12.30 -18.19 2.52
C THR A 331 11.11 -18.13 1.57
N ALA A 332 11.31 -17.73 0.32
CA ALA A 332 10.22 -17.76 -0.65
C ALA A 332 9.72 -19.18 -0.87
N ARG A 333 8.46 -19.29 -1.29
CA ARG A 333 7.91 -20.60 -1.68
C ARG A 333 8.80 -21.28 -2.69
N GLU A 334 9.14 -22.55 -2.42
CA GLU A 334 9.98 -23.30 -3.34
C GLU A 334 9.43 -23.29 -4.76
N GLU A 335 8.11 -23.44 -4.90
CA GLU A 335 7.52 -23.46 -6.24
C GLU A 335 7.81 -22.17 -7.00
N GLU A 336 7.83 -21.04 -6.28
CA GLU A 336 8.03 -19.76 -6.97
C GLU A 336 9.50 -19.46 -7.21
N ILE A 337 10.39 -19.93 -6.33
CA ILE A 337 11.82 -19.85 -6.66
C ILE A 337 12.08 -20.59 -7.95
N LYS A 338 11.53 -21.81 -8.06
CA LYS A 338 11.68 -22.56 -9.31
C LYS A 338 11.06 -21.82 -10.50
N HIS A 339 9.88 -21.23 -10.33
CA HIS A 339 9.30 -20.46 -11.45
C HIS A 339 10.22 -19.30 -11.85
N ALA A 340 10.83 -18.62 -10.88
CA ALA A 340 11.73 -17.50 -11.19
C ALA A 340 12.94 -17.99 -11.98
N GLU A 341 13.54 -19.09 -11.52
CA GLU A 341 14.65 -19.69 -12.25
C GLU A 341 14.25 -20.02 -13.67
N GLU A 342 13.09 -20.65 -13.85
CA GLU A 342 12.62 -21.01 -15.19
C GLU A 342 12.47 -19.77 -16.06
N GLU A 343 11.96 -18.69 -15.49
CA GLU A 343 11.66 -17.48 -16.24
C GLU A 343 12.90 -16.66 -16.54
N GLY A 344 14.04 -16.97 -15.92
CA GLY A 344 15.29 -16.34 -16.25
C GLY A 344 15.81 -15.35 -15.23
N VAL A 345 15.21 -15.29 -14.04
CA VAL A 345 15.80 -14.50 -12.96
C VAL A 345 17.16 -15.10 -12.63
N LYS A 346 18.18 -14.24 -12.52
CA LYS A 346 19.52 -14.67 -12.17
C LYS A 346 19.69 -14.50 -10.67
N PHE A 347 20.49 -15.38 -10.07
CA PHE A 347 20.65 -15.41 -8.63
C PHE A 347 22.12 -15.26 -8.27
N MET A 348 22.39 -14.35 -7.35
CA MET A 348 23.71 -14.19 -6.73
C MET A 348 23.53 -14.35 -5.22
N PHE A 349 24.26 -15.32 -4.65
CA PHE A 349 24.15 -15.63 -3.24
C PHE A 349 25.34 -15.10 -2.46
N LEU A 350 25.18 -15.07 -1.13
CA LEU A 350 26.23 -14.63 -0.21
C LEU A 350 26.72 -13.23 -0.56
N VAL A 351 25.77 -12.31 -0.77
CA VAL A 351 26.10 -10.91 -1.02
C VAL A 351 25.09 -10.04 -0.32
N THR A 352 25.55 -8.90 0.19
CA THR A 352 24.66 -7.91 0.77
C THR A 352 25.13 -6.53 0.37
N PRO A 353 24.22 -5.57 0.17
CA PRO A 353 24.67 -4.24 -0.27
C PRO A 353 25.44 -3.52 0.82
N LYS A 354 26.48 -2.81 0.40
CA LYS A 354 27.15 -1.83 1.24
C LYS A 354 26.67 -0.41 0.94
N ARG A 355 26.62 -0.04 -0.34
CA ARG A 355 26.11 1.27 -0.72
C ARG A 355 25.63 1.20 -2.17
N PHE A 356 24.77 2.16 -2.51
CA PHE A 356 24.29 2.38 -3.86
C PHE A 356 25.02 3.58 -4.46
N ILE A 357 25.42 3.46 -5.72
CA ILE A 357 26.31 4.40 -6.37
C ILE A 357 25.54 5.05 -7.51
N GLY A 358 25.58 6.38 -7.58
CA GLY A 358 24.84 7.12 -8.57
C GLY A 358 25.72 7.76 -9.62
N ASP A 359 25.07 8.25 -10.66
CA ASP A 359 25.74 9.06 -11.67
C ASP A 359 25.54 10.53 -11.34
N GLU A 360 25.74 11.43 -12.32
CA GLU A 360 25.68 12.86 -12.03
C GLU A 360 24.26 13.34 -11.79
N ASN A 361 23.29 12.74 -12.47
CA ASN A 361 21.91 13.18 -12.44
C ASN A 361 21.13 12.58 -11.28
N GLY A 362 21.80 11.92 -10.35
CA GLY A 362 21.12 11.29 -9.26
C GLY A 362 20.48 9.96 -9.61
N ASN A 363 20.94 9.26 -10.65
CA ASN A 363 20.37 7.97 -10.99
C ASN A 363 21.28 6.84 -10.56
N LEU A 364 20.67 5.73 -10.13
CA LEU A 364 21.45 4.57 -9.77
C LEU A 364 22.30 4.13 -10.94
N LYS A 365 23.57 3.83 -10.66
CA LYS A 365 24.52 3.29 -11.61
C LYS A 365 25.09 1.93 -11.21
N ALA A 366 25.24 1.68 -9.91
CA ALA A 366 25.89 0.45 -9.49
C ALA A 366 25.63 0.23 -8.00
N ILE A 367 25.93 -0.99 -7.55
CA ILE A 367 25.81 -1.37 -6.16
C ILE A 367 27.14 -1.95 -5.72
N GLU A 368 27.67 -1.45 -4.62
CA GLU A 368 28.83 -2.07 -4.00
C GLU A 368 28.30 -3.14 -3.07
N LEU A 369 28.74 -4.38 -3.29
CA LEU A 369 28.28 -5.54 -2.55
C LEU A 369 29.41 -6.11 -1.70
N GLU A 370 29.05 -6.52 -0.49
CA GLU A 370 29.94 -7.28 0.41
C GLU A 370 29.66 -8.76 0.28
N LYS A 371 30.74 -9.54 0.15
CA LYS A 371 30.64 -10.99 0.13
C LYS A 371 30.46 -11.51 1.55
N MET A 372 29.69 -12.58 1.66
CA MET A 372 29.37 -13.20 2.93
C MET A 372 29.84 -14.64 2.90
N LYS A 373 29.92 -15.24 4.08
CA LYS A 373 30.13 -16.68 4.21
C LYS A 373 29.16 -17.18 5.27
N LEU A 374 28.78 -18.45 5.16
CA LEU A 374 27.88 -19.05 6.12
C LEU A 374 28.60 -19.36 7.43
N GLY A 375 27.88 -19.19 8.53
CA GLY A 375 28.38 -19.52 9.85
C GLY A 375 27.50 -20.50 10.59
N GLU A 376 27.36 -20.30 11.90
CA GLU A 376 26.53 -21.19 12.71
C GLU A 376 25.06 -20.93 12.43
N PRO A 377 24.20 -21.94 12.65
CA PRO A 377 22.76 -21.69 12.55
C PRO A 377 22.31 -20.63 13.55
N ASP A 378 21.40 -19.76 13.10
CA ASP A 378 20.85 -18.72 13.96
C ASP A 378 19.57 -19.26 14.62
N GLU A 379 18.72 -18.35 15.13
CA GLU A 379 17.51 -18.77 15.82
C GLU A 379 16.56 -19.52 14.90
N SER A 380 16.51 -19.16 13.61
CA SER A 380 15.63 -19.84 12.67
C SER A 380 16.15 -21.21 12.27
N GLY A 381 17.31 -21.64 12.77
CA GLY A 381 17.89 -22.91 12.36
C GLY A 381 18.61 -22.88 11.04
N ARG A 382 18.82 -21.72 10.45
CA ARG A 382 19.55 -21.57 9.20
C ARG A 382 20.92 -20.96 9.47
N ARG A 383 21.91 -21.40 8.70
CA ARG A 383 23.26 -20.88 8.85
C ARG A 383 23.26 -19.37 8.60
N ARG A 384 23.88 -18.61 9.53
CA ARG A 384 23.88 -17.15 9.48
C ARG A 384 24.88 -16.62 8.47
N PRO A 385 24.62 -15.45 7.86
CA PRO A 385 25.60 -14.86 6.95
C PRO A 385 26.60 -13.99 7.68
N ILE A 386 27.88 -14.15 7.34
CA ILE A 386 28.97 -13.44 7.99
C ILE A 386 29.75 -12.70 6.90
N PRO A 387 29.97 -11.39 7.02
CA PRO A 387 30.71 -10.67 5.98
C PRO A 387 32.19 -11.00 6.02
N THR A 388 32.79 -11.10 4.84
CA THR A 388 34.19 -11.48 4.73
C THR A 388 35.13 -10.29 4.67
N GLY A 389 34.61 -9.08 4.41
CA GLY A 389 35.43 -7.92 4.16
C GLY A 389 35.76 -7.69 2.70
N GLU A 390 35.52 -8.68 1.85
CA GLU A 390 35.72 -8.52 0.42
C GLU A 390 34.48 -7.87 -0.19
N THR A 391 34.69 -6.85 -1.00
CA THR A 391 33.60 -6.15 -1.68
C THR A 391 33.91 -6.05 -3.16
N PHE A 392 32.86 -5.83 -3.95
CA PHE A 392 33.01 -5.60 -5.38
C PHE A 392 31.82 -4.77 -5.84
N ILE A 393 31.92 -4.22 -7.06
CA ILE A 393 30.91 -3.31 -7.57
C ILE A 393 30.26 -3.92 -8.80
N MET A 394 28.92 -3.88 -8.83
CA MET A 394 28.16 -4.48 -9.91
C MET A 394 27.21 -3.44 -10.46
N GLU A 395 27.16 -3.31 -11.78
CA GLU A 395 26.36 -2.25 -12.38
C GLU A 395 24.89 -2.65 -12.41
N PHE A 396 24.04 -1.69 -12.06
CA PHE A 396 22.60 -1.85 -12.12
C PHE A 396 21.95 -0.50 -12.40
N ASP A 397 20.81 -0.55 -13.08
CA ASP A 397 20.02 0.63 -13.38
C ASP A 397 18.84 0.81 -12.45
N THR A 398 18.37 -0.28 -11.83
CA THR A 398 17.21 -0.22 -10.96
C THR A 398 17.47 -1.17 -9.79
N ALA A 399 16.96 -0.82 -8.61
CA ALA A 399 17.05 -1.75 -7.49
C ALA A 399 15.72 -1.77 -6.74
N ILE A 400 15.33 -2.94 -6.25
CA ILE A 400 14.10 -3.11 -5.50
C ILE A 400 14.47 -3.74 -4.17
N ILE A 401 14.12 -3.05 -3.08
CA ILE A 401 14.49 -3.47 -1.73
C ILE A 401 13.38 -4.36 -1.19
N ALA A 402 13.72 -5.62 -0.87
CA ALA A 402 12.73 -6.59 -0.39
C ALA A 402 13.25 -7.30 0.86
N ILE A 403 13.55 -6.51 1.89
CA ILE A 403 14.14 -7.02 3.12
C ILE A 403 13.12 -7.05 4.26
N GLY A 404 11.85 -7.09 3.92
CA GLY A 404 10.82 -7.28 4.92
C GLY A 404 9.98 -6.03 5.11
N GLN A 405 8.84 -6.25 5.78
CA GLN A 405 7.88 -5.21 6.11
C GLN A 405 7.51 -5.33 7.61
N THR A 406 7.00 -4.25 8.18
CA THR A 406 6.71 -4.17 9.62
C THR A 406 5.49 -3.28 9.82
N PRO A 407 4.78 -3.40 10.96
CA PRO A 407 3.58 -2.59 11.16
C PRO A 407 3.87 -1.08 11.19
N ASN A 408 2.82 -0.31 10.90
CA ASN A 408 2.87 1.17 10.85
C ASN A 408 2.67 1.72 12.26
N LYS A 409 3.76 2.18 12.87
CA LYS A 409 3.68 2.73 14.21
C LYS A 409 2.93 4.04 14.25
N THR A 410 2.83 4.76 13.12
CA THR A 410 2.04 5.99 13.10
C THR A 410 0.61 5.71 13.49
N PHE A 411 -0.03 4.76 12.81
CA PHE A 411 -1.37 4.38 13.18
C PHE A 411 -1.38 3.91 14.62
N LEU A 412 -0.44 3.01 14.97
CA LEU A 412 -0.60 2.33 16.23
C LEU A 412 -0.50 3.28 17.42
N GLU A 413 0.37 4.29 17.32
CA GLU A 413 0.57 5.18 18.46
C GLU A 413 -0.64 6.04 18.72
N THR A 414 -1.46 6.29 17.71
CA THR A 414 -2.64 7.12 17.89
C THR A 414 -3.79 6.37 18.51
N VAL A 415 -3.74 5.04 18.60
CA VAL A 415 -4.88 4.31 19.12
C VAL A 415 -4.82 4.43 20.64
N PRO A 416 -5.75 5.16 21.27
CA PRO A 416 -5.62 5.38 22.71
C PRO A 416 -5.78 4.08 23.49
N GLY A 417 -4.81 3.80 24.36
CA GLY A 417 -4.90 2.67 25.24
C GLY A 417 -4.40 1.35 24.67
N LEU A 418 -3.88 1.34 23.45
CA LEU A 418 -3.50 0.09 22.78
C LEU A 418 -2.05 -0.27 23.07
N LYS A 419 -1.83 -1.46 23.63
CA LYS A 419 -0.49 -1.95 23.96
C LYS A 419 0.13 -2.65 22.75
N VAL A 420 1.35 -2.25 22.42
CA VAL A 420 2.08 -2.71 21.24
C VAL A 420 3.51 -3.04 21.69
N ASP A 421 4.06 -4.14 21.19
CA ASP A 421 5.41 -4.55 21.57
C ASP A 421 6.47 -3.74 20.81
N GLU A 422 7.74 -4.02 21.10
CA GLU A 422 8.83 -3.23 20.52
C GLU A 422 9.00 -3.46 19.03
N TRP A 423 8.35 -4.47 18.47
CA TRP A 423 8.42 -4.70 17.04
C TRP A 423 7.20 -4.19 16.31
N GLY A 424 6.31 -3.51 17.01
CA GLY A 424 5.13 -2.99 16.37
C GLY A 424 3.95 -3.93 16.37
N ARG A 425 4.04 -5.07 17.07
CA ARG A 425 2.96 -6.04 17.08
C ARG A 425 1.97 -5.71 18.22
N ILE A 426 0.68 -5.72 17.90
CA ILE A 426 -0.33 -5.51 18.93
C ILE A 426 -0.34 -6.70 19.88
N VAL A 427 -0.30 -6.42 21.18
CA VAL A 427 -0.30 -7.45 22.21
C VAL A 427 -1.72 -7.95 22.43
N VAL A 428 -1.92 -9.25 22.37
CA VAL A 428 -3.25 -9.83 22.59
C VAL A 428 -3.17 -10.99 23.57
N ASP A 429 -4.32 -11.23 24.21
CA ASP A 429 -4.50 -12.35 25.12
C ASP A 429 -4.90 -13.62 24.36
N GLU A 430 -5.27 -14.67 25.12
CA GLU A 430 -5.59 -15.95 24.54
C GLU A 430 -6.86 -15.91 23.70
N ASN A 431 -7.66 -14.85 23.83
CA ASN A 431 -8.87 -14.65 23.05
C ASN A 431 -8.67 -13.64 21.94
N LEU A 432 -7.41 -13.30 21.64
CA LEU A 432 -7.07 -12.25 20.66
C LEU A 432 -7.59 -10.89 21.05
N MET A 433 -7.85 -10.67 22.33
CA MET A 433 -8.26 -9.35 22.80
C MET A 433 -7.06 -8.52 23.18
N THR A 434 -7.06 -7.27 22.72
CA THR A 434 -6.03 -6.29 23.02
C THR A 434 -6.19 -5.78 24.46
N SER A 435 -5.35 -4.79 24.79
CA SER A 435 -5.42 -4.12 26.09
C SER A 435 -6.68 -3.29 26.26
N ILE A 436 -7.44 -3.06 25.20
CA ILE A 436 -8.69 -2.29 25.27
C ILE A 436 -9.83 -3.31 25.23
N PRO A 437 -10.66 -3.40 26.26
CA PRO A 437 -11.77 -4.36 26.21
C PRO A 437 -12.66 -4.09 25.02
N GLY A 438 -13.05 -5.18 24.35
CA GLY A 438 -13.88 -5.09 23.17
C GLY A 438 -13.14 -4.85 21.88
N VAL A 439 -11.81 -4.70 21.93
CA VAL A 439 -10.97 -4.49 20.76
C VAL A 439 -10.06 -5.71 20.63
N PHE A 440 -10.13 -6.36 19.48
CA PHE A 440 -9.41 -7.60 19.18
C PHE A 440 -8.47 -7.33 18.01
N ALA A 441 -7.54 -8.24 17.75
CA ALA A 441 -6.58 -8.05 16.68
C ALA A 441 -6.08 -9.41 16.20
N GLY A 442 -5.60 -9.44 14.96
CA GLY A 442 -5.14 -10.68 14.38
C GLY A 442 -4.37 -10.46 13.10
N GLY A 443 -3.79 -11.55 12.62
CA GLY A 443 -3.02 -11.48 11.39
C GLY A 443 -1.63 -10.88 11.58
N ASP A 444 -1.13 -10.26 10.51
CA ASP A 444 0.22 -9.68 10.57
C ASP A 444 0.30 -8.59 11.63
N ALA A 445 -0.82 -7.96 11.96
CA ALA A 445 -0.80 -6.94 13.00
C ALA A 445 -0.38 -7.49 14.35
N ILE A 446 -0.63 -8.78 14.63
CA ILE A 446 -0.19 -9.40 15.88
C ILE A 446 1.04 -10.30 15.72
N ARG A 447 1.33 -10.75 14.49
CA ARG A 447 2.41 -11.71 14.27
C ARG A 447 3.66 -11.10 13.66
N GLY A 448 3.58 -9.88 13.14
CA GLY A 448 4.52 -9.47 12.14
C GLY A 448 4.20 -10.23 10.87
N GLU A 449 5.01 -10.01 9.84
CA GLU A 449 4.72 -10.67 8.57
C GLU A 449 4.69 -12.18 8.77
N ALA A 450 3.60 -12.79 8.34
CA ALA A 450 3.41 -14.22 8.50
C ALA A 450 2.85 -14.82 7.23
N THR A 451 1.68 -15.46 7.29
CA THR A 451 1.08 -16.09 6.11
C THR A 451 -0.40 -15.73 6.00
N VAL A 452 -0.92 -15.94 4.80
CA VAL A 452 -2.35 -15.79 4.56
C VAL A 452 -3.16 -16.73 5.44
N ILE A 453 -2.74 -18.00 5.55
CA ILE A 453 -3.55 -18.95 6.32
C ILE A 453 -3.62 -18.56 7.79
N LEU A 454 -2.52 -18.05 8.35
CA LEU A 454 -2.57 -17.60 9.75
C LEU A 454 -3.46 -16.37 9.89
N ALA A 455 -3.43 -15.45 8.93
CA ALA A 455 -4.32 -14.30 9.02
C ALA A 455 -5.79 -14.72 8.96
N MET A 456 -6.10 -15.63 8.04
CA MET A 456 -7.46 -16.20 7.96
C MET A 456 -7.85 -16.85 9.29
N GLY A 457 -6.99 -17.71 9.79
CA GLY A 457 -7.27 -18.39 11.04
C GLY A 457 -7.51 -17.44 12.19
N ASP A 458 -6.69 -16.39 12.28
CA ASP A 458 -6.88 -15.39 13.33
C ASP A 458 -8.19 -14.67 13.16
N GLY A 459 -8.58 -14.35 11.91
CA GLY A 459 -9.87 -13.71 11.71
C GLY A 459 -11.03 -14.56 12.20
N ARG A 460 -10.97 -15.87 11.95
CA ARG A 460 -12.02 -16.75 12.46
C ARG A 460 -12.00 -16.85 13.99
N LYS A 461 -10.81 -16.98 14.58
CA LYS A 461 -10.70 -17.06 16.03
C LYS A 461 -11.22 -15.79 16.70
N ALA A 462 -10.86 -14.63 16.12
CA ALA A 462 -11.32 -13.38 16.67
C ALA A 462 -12.83 -13.24 16.53
N ALA A 463 -13.41 -13.69 15.42
CA ALA A 463 -14.86 -13.62 15.31
C ALA A 463 -15.54 -14.41 16.43
N LYS A 464 -15.04 -15.63 16.69
CA LYS A 464 -15.59 -16.41 17.79
C LYS A 464 -15.41 -15.71 19.13
N ALA A 465 -14.24 -15.09 19.35
CA ALA A 465 -14.00 -14.39 20.62
C ALA A 465 -14.89 -13.16 20.77
N ILE A 466 -15.13 -12.44 19.68
CA ILE A 466 -16.03 -11.29 19.71
C ILE A 466 -17.42 -11.75 20.08
N HIS A 467 -17.87 -12.85 19.47
CA HIS A 467 -19.18 -13.39 19.79
C HIS A 467 -19.29 -13.76 21.26
N GLN A 468 -18.26 -14.41 21.81
CA GLN A 468 -18.29 -14.76 23.23
C GLN A 468 -18.33 -13.52 24.10
N TYR A 469 -17.49 -12.52 23.76
CA TYR A 469 -17.40 -11.31 24.55
C TYR A 469 -18.74 -10.57 24.56
N LEU A 470 -19.38 -10.46 23.41
CA LEU A 470 -20.62 -9.69 23.33
C LEU A 470 -21.83 -10.48 23.82
N SER A 471 -21.77 -11.82 23.74
CA SER A 471 -22.84 -12.67 24.24
C SER A 471 -22.85 -12.73 25.76
N LYS A 472 -21.69 -12.64 26.40
CA LYS A 472 -21.67 -12.64 27.86
C LYS A 472 -22.21 -11.32 28.38
N MET B 6 -18.89 4.55 -1.77
CA MET B 6 -19.33 5.23 -2.98
C MET B 6 -18.14 6.03 -3.53
N MET B 7 -18.45 7.11 -4.24
CA MET B 7 -17.48 8.08 -4.81
C MET B 7 -17.77 9.45 -4.19
N PHE B 8 -17.08 10.51 -4.66
CA PHE B 8 -17.05 11.79 -3.98
C PHE B 8 -17.55 12.89 -4.94
N LYS B 9 -18.73 13.42 -4.65
CA LYS B 9 -19.41 14.36 -5.53
C LYS B 9 -18.68 15.70 -5.55
N ILE B 10 -18.50 16.27 -6.75
CA ILE B 10 -18.05 17.64 -6.88
C ILE B 10 -19.25 18.55 -6.71
N LEU B 11 -19.24 19.35 -5.65
CA LEU B 11 -20.29 20.30 -5.37
C LEU B 11 -20.15 21.58 -6.18
N ARG B 12 -18.92 21.99 -6.44
CA ARG B 12 -18.71 23.28 -7.08
C ARG B 12 -17.33 23.27 -7.71
N LYS B 13 -17.21 23.94 -8.86
CA LYS B 13 -15.93 24.14 -9.51
C LYS B 13 -15.80 25.62 -9.82
N GLU B 14 -14.62 26.18 -9.56
CA GLU B 14 -14.35 27.57 -9.85
C GLU B 14 -12.98 27.67 -10.53
N ARG B 15 -12.93 28.32 -11.69
CA ARG B 15 -11.63 28.59 -12.31
C ARG B 15 -11.08 29.86 -11.66
N LEU B 16 -10.01 29.71 -10.88
CA LEU B 16 -9.44 30.84 -10.15
C LEU B 16 -8.53 31.67 -11.04
N ALA B 17 -7.90 31.02 -11.99
CA ALA B 17 -6.97 31.66 -12.94
C ALA B 17 -6.72 30.63 -14.02
N PRO B 18 -6.13 31.00 -15.14
CA PRO B 18 -5.85 30.00 -16.18
C PRO B 18 -5.04 28.84 -15.63
N GLY B 19 -5.58 27.63 -15.81
CA GLY B 19 -4.96 26.41 -15.33
C GLY B 19 -5.01 26.17 -13.84
N ILE B 20 -5.75 26.98 -13.08
CA ILE B 20 -5.85 26.82 -11.62
C ILE B 20 -7.32 26.61 -11.30
N ASN B 21 -7.68 25.37 -10.95
CA ASN B 21 -9.08 25.00 -10.79
C ASN B 21 -9.38 24.60 -9.35
N LEU B 22 -10.38 25.24 -8.77
CA LEU B 22 -10.87 24.92 -7.42
C LEU B 22 -12.03 23.95 -7.53
N PHE B 23 -12.02 22.94 -6.65
CA PHE B 23 -13.10 21.97 -6.53
C PHE B 23 -13.54 21.90 -5.08
N GLU B 24 -14.82 22.09 -4.84
CA GLU B 24 -15.42 21.79 -3.54
C GLU B 24 -16.07 20.42 -3.64
N ILE B 25 -15.66 19.51 -2.76
CA ILE B 25 -15.95 18.08 -2.83
C ILE B 25 -16.72 17.68 -1.58
N GLU B 26 -17.75 16.88 -1.76
CA GLU B 26 -18.55 16.39 -0.64
C GLU B 26 -17.79 15.27 0.07
N SER B 27 -17.41 15.53 1.31
CA SER B 27 -16.71 14.54 2.10
C SER B 27 -16.81 14.91 3.58
N PRO B 28 -17.92 14.58 4.23
CA PRO B 28 -18.10 15.01 5.62
C PRO B 28 -17.07 14.44 6.59
N ARG B 29 -16.56 13.22 6.38
CA ARG B 29 -15.53 12.69 7.27
C ARG B 29 -14.25 13.53 7.18
N ILE B 30 -13.84 13.85 5.95
CA ILE B 30 -12.61 14.62 5.80
C ILE B 30 -12.81 16.01 6.35
N ALA B 31 -13.96 16.63 6.06
CA ALA B 31 -14.23 17.98 6.56
C ALA B 31 -14.16 18.04 8.07
N LYS B 32 -14.70 17.01 8.73
CA LYS B 32 -14.77 17.00 10.19
C LYS B 32 -13.39 16.95 10.80
N HIS B 33 -12.45 16.28 10.14
CA HIS B 33 -11.16 16.00 10.76
C HIS B 33 -9.99 16.79 10.21
N ALA B 34 -10.15 17.45 9.07
CA ALA B 34 -9.00 18.09 8.42
C ALA B 34 -8.51 19.29 9.19
N LYS B 35 -7.20 19.45 9.20
CA LYS B 35 -6.53 20.59 9.82
C LYS B 35 -5.60 21.22 8.81
N PRO B 36 -5.27 22.51 8.99
CA PRO B 36 -4.37 23.18 8.06
C PRO B 36 -3.06 22.41 7.86
N GLY B 37 -2.64 22.35 6.61
CA GLY B 37 -1.43 21.69 6.20
C GLY B 37 -1.66 20.29 5.67
N GLN B 38 -2.80 19.70 5.97
CA GLN B 38 -3.07 18.34 5.53
C GLN B 38 -3.53 18.27 4.08
N PHE B 39 -3.46 17.07 3.53
CA PHE B 39 -3.70 16.84 2.10
C PHE B 39 -4.60 15.62 1.90
N VAL B 40 -4.98 15.39 0.67
CA VAL B 40 -5.72 14.20 0.25
C VAL B 40 -4.95 13.53 -0.88
N MET B 41 -5.18 12.22 -1.04
CA MET B 41 -4.93 11.56 -2.31
C MET B 41 -6.22 11.42 -3.08
N ILE B 42 -6.18 11.69 -4.39
CA ILE B 42 -7.36 11.48 -5.22
C ILE B 42 -7.04 10.55 -6.38
N ARG B 43 -8.07 9.87 -6.84
CA ARG B 43 -8.02 9.14 -8.10
C ARG B 43 -9.31 9.42 -8.84
N LEU B 44 -9.21 9.83 -10.11
CA LEU B 44 -10.39 10.30 -10.83
C LEU B 44 -11.32 9.18 -11.27
N HIS B 45 -10.74 8.07 -11.71
CA HIS B 45 -11.45 7.00 -12.42
C HIS B 45 -10.59 5.74 -12.36
N GLU B 46 -11.18 4.63 -12.84
CA GLU B 46 -10.60 3.33 -12.65
C GLU B 46 -9.24 3.15 -13.32
N LYS B 47 -8.96 3.89 -14.39
CA LYS B 47 -7.64 3.80 -15.03
C LYS B 47 -6.65 4.83 -14.50
N GLY B 48 -7.03 5.59 -13.50
CA GLY B 48 -6.23 6.73 -13.09
C GLY B 48 -5.14 6.39 -12.13
N GLU B 49 -4.29 7.37 -11.90
CA GLU B 49 -3.26 7.33 -10.86
C GLU B 49 -3.72 8.11 -9.64
N ARG B 50 -3.12 7.80 -8.50
CA ARG B 50 -3.36 8.56 -7.28
C ARG B 50 -2.45 9.78 -7.24
N ILE B 51 -3.01 10.96 -6.99
CA ILE B 51 -2.20 12.17 -6.82
C ILE B 51 -2.53 12.92 -5.53
N PRO B 52 -1.56 13.57 -4.93
CA PRO B 52 -1.80 14.38 -3.71
C PRO B 52 -2.18 15.81 -4.05
N LEU B 53 -3.13 16.33 -3.28
CA LEU B 53 -3.55 17.73 -3.35
C LEU B 53 -3.87 18.22 -1.95
N THR B 54 -3.57 19.49 -1.68
CA THR B 54 -3.74 20.03 -0.33
C THR B 54 -5.19 20.39 -0.06
N ILE B 55 -5.60 20.26 1.20
CA ILE B 55 -6.92 20.71 1.64
C ILE B 55 -6.81 22.22 1.86
N ALA B 56 -7.29 22.99 0.88
CA ALA B 56 -7.20 24.44 0.91
C ALA B 56 -8.27 25.10 1.75
N ASP B 57 -9.39 24.44 1.96
CA ASP B 57 -10.45 24.99 2.81
C ASP B 57 -11.36 23.84 3.20
N VAL B 58 -12.19 24.08 4.22
CA VAL B 58 -13.22 23.12 4.64
C VAL B 58 -14.48 23.89 4.98
N ASP B 59 -15.61 23.20 4.88
CA ASP B 59 -16.91 23.77 5.27
C ASP B 59 -17.65 22.66 6.00
N ILE B 60 -17.55 22.64 7.33
CA ILE B 60 -18.19 21.57 8.08
C ILE B 60 -19.71 21.62 7.92
N SER B 61 -20.28 22.83 7.82
CA SER B 61 -21.74 22.95 7.68
C SER B 61 -22.24 22.34 6.38
N LYS B 62 -21.44 22.35 5.32
CA LYS B 62 -21.77 21.68 4.07
C LYS B 62 -21.19 20.28 3.97
N GLY B 63 -20.36 19.86 4.93
CA GLY B 63 -19.68 18.60 4.80
C GLY B 63 -18.73 18.55 3.62
N SER B 64 -18.04 19.65 3.34
CA SER B 64 -17.19 19.70 2.15
C SER B 64 -15.77 20.09 2.47
N ILE B 65 -14.90 19.72 1.54
CA ILE B 65 -13.52 20.16 1.52
C ILE B 65 -13.27 20.84 0.18
N THR B 66 -12.24 21.66 0.12
CA THR B 66 -11.85 22.36 -1.10
C THR B 66 -10.40 22.04 -1.42
N ILE B 67 -10.16 21.68 -2.69
CA ILE B 67 -8.83 21.46 -3.24
C ILE B 67 -8.66 22.36 -4.44
N VAL B 68 -7.41 22.77 -4.70
CA VAL B 68 -7.12 23.62 -5.83
C VAL B 68 -5.98 22.96 -6.60
N ALA B 69 -6.25 22.60 -7.85
CA ALA B 69 -5.32 21.81 -8.66
C ALA B 69 -4.86 22.63 -9.86
N GLN B 70 -3.55 22.83 -9.95
CA GLN B 70 -2.94 23.48 -11.10
C GLN B 70 -2.69 22.45 -12.20
N GLU B 71 -3.04 22.83 -13.43
CA GLU B 71 -2.87 21.96 -14.60
C GLU B 71 -1.39 21.90 -14.97
N VAL B 72 -0.78 20.73 -14.78
CA VAL B 72 0.65 20.54 -15.02
C VAL B 72 0.97 19.25 -15.76
N GLY B 73 -0.05 18.44 -16.06
CA GLY B 73 0.19 17.14 -16.66
C GLY B 73 -1.14 16.43 -16.84
N LYS B 74 -1.06 15.13 -17.14
CA LYS B 74 -2.26 14.43 -17.62
C LYS B 74 -3.37 14.44 -16.58
N THR B 75 -3.08 14.03 -15.35
CA THR B 75 -4.13 13.88 -14.34
C THR B 75 -4.75 15.21 -13.98
N THR B 76 -3.94 16.25 -13.77
CA THR B 76 -4.52 17.53 -13.41
C THR B 76 -5.21 18.22 -14.59
N ARG B 77 -4.76 18.00 -15.83
CA ARG B 77 -5.49 18.49 -16.99
C ARG B 77 -6.85 17.78 -17.10
N GLU B 78 -6.86 16.46 -16.92
CA GLU B 78 -8.14 15.75 -16.99
C GLU B 78 -9.07 16.22 -15.87
N LEU B 79 -8.54 16.35 -14.66
CA LEU B 79 -9.36 16.89 -13.56
C LEU B 79 -9.92 18.25 -13.90
N GLY B 80 -9.13 19.09 -14.59
CA GLY B 80 -9.59 20.42 -14.94
C GLY B 80 -10.82 20.46 -15.82
N THR B 81 -11.15 19.36 -16.49
CA THR B 81 -12.35 19.25 -17.31
C THR B 81 -13.58 18.85 -16.51
N TYR B 82 -13.40 18.42 -15.27
CA TYR B 82 -14.55 17.96 -14.49
C TYR B 82 -15.45 19.12 -14.11
N GLU B 83 -16.74 18.82 -13.96
CA GLU B 83 -17.74 19.80 -13.61
C GLU B 83 -18.41 19.45 -12.30
N ALA B 84 -19.17 20.41 -11.75
CA ALA B 84 -20.07 20.08 -10.65
C ALA B 84 -21.01 18.96 -11.05
N GLY B 85 -21.21 18.02 -10.14
CA GLY B 85 -22.01 16.85 -10.39
C GLY B 85 -21.26 15.67 -10.98
N ASP B 86 -20.04 15.89 -11.46
CA ASP B 86 -19.17 14.77 -11.71
C ASP B 86 -18.65 14.27 -10.37
N TYR B 87 -18.00 13.11 -10.38
CA TYR B 87 -17.52 12.49 -9.16
C TYR B 87 -16.02 12.21 -9.26
N ILE B 88 -15.33 12.40 -8.17
CA ILE B 88 -13.97 11.90 -8.03
C ILE B 88 -14.09 10.50 -7.42
N LEU B 89 -13.58 9.50 -8.12
CA LEU B 89 -13.80 8.11 -7.67
C LEU B 89 -13.31 7.91 -6.23
N ASP B 90 -12.07 8.31 -5.93
CA ASP B 90 -11.45 8.09 -4.62
C ASP B 90 -10.89 9.39 -4.09
N VAL B 91 -11.16 9.69 -2.82
CA VAL B 91 -10.56 10.79 -2.08
C VAL B 91 -10.21 10.24 -0.70
N LEU B 92 -8.93 10.18 -0.39
CA LEU B 92 -8.42 9.69 0.90
C LEU B 92 -7.88 10.87 1.69
N GLY B 93 -8.43 11.09 2.88
CA GLY B 93 -7.87 12.10 3.74
C GLY B 93 -8.51 12.11 5.10
N PRO B 94 -8.12 13.05 5.96
CA PRO B 94 -7.01 13.99 5.76
C PRO B 94 -5.69 13.31 6.05
N LEU B 95 -4.68 13.57 5.24
CA LEU B 95 -3.37 12.95 5.35
C LEU B 95 -2.31 13.95 5.77
N GLY B 96 -1.24 13.40 6.33
CA GLY B 96 -0.11 14.17 6.80
C GLY B 96 -0.31 14.70 8.22
N LYS B 97 0.76 15.25 8.75
CA LYS B 97 0.70 15.95 10.04
C LYS B 97 0.19 17.36 9.82
N PRO B 98 -0.74 17.84 10.62
CA PRO B 98 -1.13 19.24 10.55
C PRO B 98 0.08 20.15 10.73
N SER B 99 0.00 21.31 10.11
CA SER B 99 0.97 22.38 10.37
C SER B 99 1.00 22.68 11.86
N HIS B 100 2.19 22.94 12.39
CA HIS B 100 2.29 23.25 13.82
C HIS B 100 2.00 24.73 14.05
N ILE B 101 0.92 25.02 14.76
CA ILE B 101 0.45 26.39 14.94
C ILE B 101 0.70 26.77 16.40
N ASP B 102 1.73 27.61 16.62
CA ASP B 102 2.19 28.07 17.94
C ASP B 102 2.09 29.62 17.78
N TYR B 103 2.09 30.41 18.87
CA TYR B 103 2.41 31.83 18.77
C TYR B 103 3.91 31.96 18.60
N PHE B 104 4.34 32.42 17.43
CA PHE B 104 5.74 32.58 17.09
C PHE B 104 6.18 34.03 17.12
N GLY B 105 5.26 34.96 16.85
CA GLY B 105 5.59 36.35 16.70
C GLY B 105 5.14 36.84 15.34
N THR B 106 6.09 37.16 14.47
CA THR B 106 5.77 37.51 13.08
C THR B 106 6.08 36.34 12.20
N VAL B 107 5.08 35.92 11.42
CA VAL B 107 5.17 34.77 10.55
C VAL B 107 5.03 35.28 9.13
N VAL B 108 6.00 34.94 8.28
CA VAL B 108 5.94 35.24 6.85
C VAL B 108 5.50 33.98 6.11
N MET B 109 4.35 34.05 5.48
CA MET B 109 3.77 32.93 4.74
C MET B 109 4.06 33.18 3.28
N ILE B 110 4.70 32.22 2.62
CA ILE B 110 5.10 32.40 1.22
C ILE B 110 4.44 31.33 0.38
N GLY B 111 3.56 31.76 -0.53
CA GLY B 111 2.92 30.83 -1.45
C GLY B 111 3.31 31.14 -2.88
N GLY B 112 3.76 30.12 -3.58
CA GLY B 112 4.13 30.25 -4.99
C GLY B 112 3.12 29.55 -5.88
N GLY B 113 2.52 30.27 -6.81
CA GLY B 113 1.53 29.66 -7.71
C GLY B 113 0.36 29.08 -6.94
N VAL B 114 0.05 27.81 -7.19
CA VAL B 114 -1.04 27.15 -6.48
C VAL B 114 -0.75 27.10 -5.00
N GLY B 115 0.51 27.28 -4.61
CA GLY B 115 0.85 27.35 -3.19
C GLY B 115 0.12 28.47 -2.46
N VAL B 116 -0.35 29.49 -3.18
CA VAL B 116 -1.17 30.53 -2.57
C VAL B 116 -2.46 29.95 -1.99
N ALA B 117 -3.09 29.01 -2.70
CA ALA B 117 -4.26 28.34 -2.12
C ALA B 117 -3.84 27.47 -0.94
N GLU B 118 -2.70 26.81 -1.07
CA GLU B 118 -2.26 25.90 -0.01
C GLU B 118 -1.95 26.63 1.29
N ILE B 119 -1.44 27.86 1.22
CA ILE B 119 -1.08 28.56 2.45
C ILE B 119 -2.28 29.19 3.14
N TYR B 120 -3.42 29.35 2.45
CA TYR B 120 -4.56 30.03 3.05
C TYR B 120 -4.97 29.48 4.41
N PRO B 121 -5.20 28.17 4.58
CA PRO B 121 -5.64 27.69 5.90
C PRO B 121 -4.58 27.85 6.96
N VAL B 122 -3.31 27.76 6.55
CA VAL B 122 -2.22 27.90 7.51
C VAL B 122 -2.12 29.35 7.96
N ALA B 123 -2.15 30.29 7.00
CA ALA B 123 -2.17 31.71 7.35
C ALA B 123 -3.31 32.03 8.29
N LYS B 124 -4.51 31.52 7.98
CA LYS B 124 -5.66 31.75 8.83
C LYS B 124 -5.43 31.24 10.25
N ALA B 125 -4.91 30.01 10.38
CA ALA B 125 -4.64 29.46 11.71
C ALA B 125 -3.57 30.26 12.45
N MET B 126 -2.52 30.66 11.75
CA MET B 126 -1.48 31.49 12.37
C MET B 126 -2.06 32.78 12.90
N LYS B 127 -2.93 33.42 12.10
CA LYS B 127 -3.53 34.69 12.51
C LYS B 127 -4.43 34.48 13.71
N GLU B 128 -5.22 33.41 13.71
CA GLU B 128 -6.12 33.12 14.82
C GLU B 128 -5.36 32.86 16.11
N LYS B 129 -4.13 32.37 16.02
CA LYS B 129 -3.27 32.16 17.19
C LYS B 129 -2.60 33.44 17.68
N GLY B 130 -2.79 34.57 17.01
CA GLY B 130 -2.25 35.85 17.47
C GLY B 130 -0.99 36.30 16.78
N ASN B 131 -0.48 35.53 15.83
CA ASN B 131 0.70 35.96 15.09
C ASN B 131 0.41 37.16 14.22
N TYR B 132 1.45 37.97 14.00
CA TYR B 132 1.44 38.99 12.97
C TYR B 132 1.82 38.29 11.67
N VAL B 133 0.95 38.36 10.67
CA VAL B 133 1.09 37.52 9.49
C VAL B 133 1.35 38.41 8.28
N ILE B 134 2.47 38.14 7.60
CA ILE B 134 2.82 38.77 6.33
C ILE B 134 2.79 37.68 5.28
N SER B 135 1.96 37.84 4.26
CA SER B 135 1.83 36.85 3.21
C SER B 135 2.46 37.37 1.93
N ILE B 136 3.42 36.63 1.41
CA ILE B 136 4.07 36.93 0.13
C ILE B 136 3.52 35.96 -0.89
N LEU B 137 2.90 36.49 -1.95
CA LEU B 137 2.26 35.68 -2.97
C LEU B 137 3.07 35.76 -4.25
N GLY B 138 3.45 34.62 -4.80
CA GLY B 138 4.27 34.62 -6.00
C GLY B 138 3.56 34.11 -7.23
N PHE B 139 3.53 34.92 -8.28
CA PHE B 139 2.92 34.49 -9.52
C PHE B 139 3.85 34.81 -10.68
N ARG B 140 3.66 34.10 -11.80
CA ARG B 140 4.52 34.34 -12.96
C ARG B 140 4.17 35.64 -13.63
N THR B 141 2.88 35.97 -13.69
CA THR B 141 2.37 37.08 -14.48
C THR B 141 0.98 37.41 -13.96
N LYS B 142 0.47 38.56 -14.36
CA LYS B 142 -0.76 39.12 -13.81
C LYS B 142 -1.96 38.19 -13.99
N ASP B 143 -2.08 37.54 -15.15
CA ASP B 143 -3.27 36.72 -15.30
C ASP B 143 -3.29 35.49 -14.42
N LEU B 144 -2.19 35.15 -13.76
CA LEU B 144 -2.20 34.03 -12.84
C LEU B 144 -2.47 34.44 -11.41
N VAL B 145 -2.58 35.73 -11.10
CA VAL B 145 -2.85 36.17 -9.73
C VAL B 145 -4.24 35.73 -9.31
N PHE B 146 -4.36 35.16 -8.11
CA PHE B 146 -5.66 34.80 -7.57
C PHE B 146 -5.59 34.83 -6.04
N TRP B 147 -6.76 34.96 -5.40
CA TRP B 147 -6.90 34.89 -3.95
C TRP B 147 -6.15 35.99 -3.21
N GLU B 148 -5.88 37.13 -3.86
CA GLU B 148 -5.26 38.24 -3.13
C GLU B 148 -6.15 38.69 -1.98
N ASP B 149 -7.45 38.92 -2.26
CA ASP B 149 -8.33 39.41 -1.21
C ASP B 149 -8.51 38.35 -0.13
N LYS B 150 -8.59 37.08 -0.53
CA LYS B 150 -8.77 36.01 0.44
C LYS B 150 -7.56 35.92 1.37
N LEU B 151 -6.34 36.00 0.83
CA LEU B 151 -5.19 36.02 1.73
C LEU B 151 -5.14 37.29 2.57
N ARG B 152 -5.53 38.43 2.01
CA ARG B 152 -5.55 39.67 2.79
C ARG B 152 -6.49 39.54 3.98
N SER B 153 -7.56 38.75 3.84
CA SER B 153 -8.52 38.62 4.93
C SER B 153 -7.95 37.87 6.13
N VAL B 154 -6.85 37.16 5.96
CA VAL B 154 -6.24 36.39 7.04
C VAL B 154 -4.80 36.85 7.29
N SER B 155 -4.41 38.01 6.77
CA SER B 155 -3.04 38.49 6.92
C SER B 155 -3.06 39.92 7.44
N ASP B 156 -1.96 40.32 8.06
CA ASP B 156 -1.79 41.73 8.38
C ASP B 156 -1.21 42.54 7.23
N GLU B 157 -0.35 41.92 6.42
CA GLU B 157 0.23 42.53 5.23
C GLU B 157 0.27 41.48 4.14
N VAL B 158 0.06 41.91 2.89
CA VAL B 158 0.16 41.04 1.71
C VAL B 158 1.09 41.74 0.71
N ILE B 159 2.06 41.00 0.19
CA ILE B 159 2.93 41.47 -0.88
C ILE B 159 2.72 40.53 -2.05
N VAL B 160 2.18 41.05 -3.16
CA VAL B 160 1.99 40.27 -4.37
C VAL B 160 3.19 40.53 -5.28
N THR B 161 3.79 39.46 -5.77
CA THR B 161 4.89 39.56 -6.73
C THR B 161 4.52 38.91 -8.05
N THR B 162 4.96 39.50 -9.16
CA THR B 162 4.94 38.85 -10.47
C THR B 162 6.33 38.84 -11.05
N ASN B 163 6.72 37.70 -11.64
CA ASN B 163 8.06 37.60 -12.22
C ASN B 163 8.33 38.72 -13.21
N ASP B 164 7.31 39.07 -13.99
CA ASP B 164 7.50 40.03 -15.06
C ASP B 164 7.10 41.46 -14.68
N GLY B 165 6.70 41.70 -13.43
CA GLY B 165 6.32 43.03 -13.01
C GLY B 165 5.01 43.52 -13.53
N SER B 166 4.22 42.65 -14.17
CA SER B 166 2.93 43.06 -14.69
C SER B 166 1.92 43.41 -13.60
N TYR B 167 2.14 43.00 -12.36
CA TYR B 167 1.22 43.33 -11.27
C TYR B 167 1.98 43.24 -9.95
N GLY B 168 1.76 44.20 -9.06
CA GLY B 168 2.46 44.19 -7.80
C GLY B 168 3.95 44.44 -7.95
N MET B 169 4.70 43.81 -7.05
CA MET B 169 6.15 43.96 -7.01
C MET B 169 6.79 43.06 -8.07
N LYS B 170 7.74 43.58 -8.80
CA LYS B 170 8.42 42.80 -9.82
C LYS B 170 9.47 41.91 -9.16
N GLY B 171 9.45 40.63 -9.52
CA GLY B 171 10.46 39.70 -9.09
C GLY B 171 9.84 38.47 -8.46
N PHE B 172 10.68 37.69 -7.82
CA PHE B 172 10.29 36.46 -7.17
C PHE B 172 9.87 36.74 -5.72
N THR B 173 9.14 35.75 -5.18
CA THR B 173 8.88 35.68 -3.75
C THR B 173 10.12 36.03 -2.94
N THR B 174 11.28 35.47 -3.32
CA THR B 174 12.51 35.69 -2.59
C THR B 174 12.98 37.15 -2.63
N HIS B 175 12.70 37.90 -3.69
CA HIS B 175 13.02 39.32 -3.71
C HIS B 175 12.23 40.06 -2.65
N ALA B 176 10.94 39.74 -2.51
CA ALA B 176 10.15 40.38 -1.45
C ALA B 176 10.68 39.99 -0.07
N LEU B 177 11.01 38.72 0.13
CA LEU B 177 11.53 38.31 1.43
C LEU B 177 12.87 38.97 1.74
N GLN B 178 13.78 39.02 0.77
CA GLN B 178 15.07 39.66 0.98
C GLN B 178 14.89 41.13 1.33
N LYS B 179 13.92 41.79 0.72
CA LYS B 179 13.66 43.19 1.06
C LYS B 179 13.24 43.32 2.53
N LEU B 180 12.34 42.46 2.99
CA LEU B 180 11.95 42.50 4.40
C LEU B 180 13.16 42.32 5.32
N ILE B 181 14.00 41.34 5.00
CA ILE B 181 15.17 41.07 5.84
C ILE B 181 16.09 42.28 5.87
N GLU B 182 16.37 42.85 4.69
CA GLU B 182 17.29 43.98 4.59
C GLU B 182 16.73 45.24 5.23
N GLU B 183 15.41 45.36 5.33
CA GLU B 183 14.80 46.46 6.08
C GLU B 183 14.91 46.26 7.58
N GLY B 184 15.35 45.10 8.03
CA GLY B 184 15.40 44.82 9.45
C GLY B 184 14.07 44.47 10.07
N ARG B 185 13.13 43.96 9.29
CA ARG B 185 11.83 43.58 9.84
C ARG B 185 12.00 42.36 10.74
N LYS B 186 11.27 42.35 11.86
CA LYS B 186 11.24 41.21 12.76
C LYS B 186 10.53 40.03 12.08
N ILE B 187 11.22 38.90 11.94
CA ILE B 187 10.65 37.69 11.32
C ILE B 187 11.02 36.49 12.18
N ASP B 188 10.01 35.84 12.78
CA ASP B 188 10.26 34.71 13.65
C ASP B 188 10.09 33.37 12.97
N LEU B 189 9.33 33.32 11.86
CA LEU B 189 9.09 32.06 11.17
C LEU B 189 8.75 32.38 9.73
N VAL B 190 9.32 31.61 8.80
CA VAL B 190 8.94 31.63 7.39
C VAL B 190 8.37 30.27 7.04
N HIS B 191 7.19 30.26 6.40
CA HIS B 191 6.58 29.04 5.91
C HIS B 191 6.51 29.18 4.41
N ALA B 192 6.98 28.18 3.69
CA ALA B 192 6.97 28.24 2.23
C ALA B 192 6.23 27.03 1.66
N VAL B 193 5.38 27.31 0.68
CA VAL B 193 4.66 26.29 -0.07
C VAL B 193 4.62 26.72 -1.53
N GLY B 194 5.13 25.87 -2.39
CA GLY B 194 5.11 26.15 -3.81
C GLY B 194 5.98 25.15 -4.52
N PRO B 195 6.41 25.50 -5.73
CA PRO B 195 7.35 24.65 -6.45
C PRO B 195 8.58 24.36 -5.60
N ALA B 196 9.11 23.14 -5.75
CA ALA B 196 10.32 22.79 -5.00
C ALA B 196 11.46 23.78 -5.26
N ILE B 197 11.61 24.27 -6.49
CA ILE B 197 12.68 25.22 -6.78
C ILE B 197 12.51 26.50 -5.96
N MET B 198 11.26 26.92 -5.76
CA MET B 198 10.96 28.09 -4.93
C MET B 198 11.24 27.83 -3.47
N MET B 199 10.78 26.68 -2.95
CA MET B 199 11.02 26.39 -1.53
C MET B 199 12.52 26.30 -1.24
N LYS B 200 13.28 25.67 -2.14
CA LYS B 200 14.73 25.61 -2.01
C LYS B 200 15.31 27.03 -1.97
N ALA B 201 14.88 27.89 -2.88
CA ALA B 201 15.41 29.25 -2.92
C ALA B 201 15.10 30.02 -1.64
N VAL B 202 13.89 29.84 -1.09
CA VAL B 202 13.54 30.50 0.16
C VAL B 202 14.44 30.00 1.28
N ALA B 203 14.61 28.67 1.35
CA ALA B 203 15.44 28.08 2.40
C ALA B 203 16.87 28.60 2.33
N GLU B 204 17.42 28.69 1.12
CA GLU B 204 18.79 29.14 0.95
C GLU B 204 18.94 30.61 1.31
N LEU B 205 17.90 31.41 1.07
CA LEU B 205 17.95 32.83 1.44
C LEU B 205 17.94 33.00 2.95
N THR B 206 17.11 32.23 3.64
CA THR B 206 16.96 32.47 5.08
C THR B 206 18.04 31.78 5.90
N LYS B 207 18.72 30.77 5.37
CA LYS B 207 19.68 30.03 6.17
C LYS B 207 20.77 30.90 6.76
N PRO B 208 21.41 31.78 5.99
CA PRO B 208 22.49 32.61 6.60
C PRO B 208 21.99 33.52 7.69
N TYR B 209 20.71 33.84 7.71
CA TYR B 209 20.16 34.71 8.73
C TYR B 209 19.61 33.95 9.92
N GLY B 210 19.63 32.62 9.90
CA GLY B 210 19.14 31.88 11.04
C GLY B 210 17.66 32.03 11.31
N ILE B 211 16.87 32.30 10.28
CA ILE B 211 15.43 32.46 10.43
C ILE B 211 14.78 31.10 10.29
N LYS B 212 14.02 30.68 11.30
CA LYS B 212 13.35 29.39 11.26
C LYS B 212 12.45 29.32 10.03
N THR B 213 12.60 28.27 9.24
CA THR B 213 11.92 28.15 7.96
C THR B 213 11.39 26.73 7.83
N VAL B 214 10.09 26.63 7.51
CA VAL B 214 9.39 25.38 7.34
C VAL B 214 8.89 25.34 5.91
N ALA B 215 9.09 24.22 5.23
CA ALA B 215 8.58 24.04 3.87
C ALA B 215 7.67 22.84 3.85
N SER B 216 6.60 22.93 3.04
CA SER B 216 5.70 21.80 2.86
C SER B 216 6.16 21.06 1.61
N LEU B 217 6.81 19.92 1.80
CA LEU B 217 7.43 19.22 0.70
C LEU B 217 6.42 18.54 -0.20
N ASN B 218 6.83 18.38 -1.46
CA ASN B 218 5.94 17.89 -2.50
C ASN B 218 6.53 16.74 -3.31
N PRO B 219 7.04 15.69 -2.66
CA PRO B 219 7.60 14.55 -3.41
C PRO B 219 6.51 13.69 -4.05
N ILE B 220 6.97 12.78 -4.92
CA ILE B 220 6.07 11.80 -5.52
C ILE B 220 5.37 10.97 -4.44
N MET B 221 4.04 10.82 -4.56
CA MET B 221 3.28 9.96 -3.67
C MET B 221 2.48 8.92 -4.45
N VAL B 222 2.25 7.77 -3.81
CA VAL B 222 1.42 6.69 -4.33
C VAL B 222 0.28 6.41 -3.35
N ASP B 223 0.56 5.70 -2.25
CA ASP B 223 -0.50 5.43 -1.29
C ASP B 223 -0.80 6.61 -0.38
N GLY B 224 0.23 7.32 0.10
CA GLY B 224 0.07 8.45 0.98
C GLY B 224 -0.13 8.10 2.45
N THR B 225 0.13 6.85 2.83
CA THR B 225 -0.14 6.38 4.19
C THR B 225 1.04 5.69 4.85
N GLY B 226 2.23 5.76 4.27
CA GLY B 226 3.40 5.20 4.91
C GLY B 226 3.82 3.83 4.43
N MET B 227 3.21 3.29 3.38
CA MET B 227 3.45 1.89 3.01
C MET B 227 4.66 1.69 2.10
N CYS B 228 5.29 2.73 1.55
CA CYS B 228 6.11 2.46 0.37
C CYS B 228 7.38 3.27 0.24
N GLY B 229 7.47 4.47 0.79
CA GLY B 229 8.69 5.25 0.63
C GLY B 229 8.83 6.01 -0.68
N ALA B 230 7.81 6.02 -1.55
CA ALA B 230 7.90 6.79 -2.79
C ALA B 230 8.22 8.23 -2.48
N CYS B 231 7.65 8.75 -1.39
CA CYS B 231 7.69 10.14 -0.96
C CYS B 231 8.87 10.43 -0.06
N ARG B 232 9.87 9.57 -0.05
CA ARG B 232 10.96 9.76 0.90
C ARG B 232 11.83 10.95 0.55
N VAL B 233 12.38 11.53 1.62
CA VAL B 233 13.21 12.71 1.60
C VAL B 233 14.30 12.48 2.65
N THR B 234 15.38 13.24 2.55
CA THR B 234 16.43 13.21 3.56
C THR B 234 16.36 14.52 4.34
N VAL B 235 16.13 14.42 5.65
CA VAL B 235 16.00 15.57 6.53
C VAL B 235 17.00 15.38 7.66
N GLY B 236 17.96 16.30 7.76
CA GLY B 236 18.99 16.17 8.77
C GLY B 236 19.76 14.87 8.66
N GLY B 237 20.00 14.41 7.44
CA GLY B 237 20.70 13.18 7.20
C GLY B 237 19.92 11.92 7.44
N GLU B 238 18.63 12.01 7.77
CA GLU B 238 17.83 10.83 8.04
C GLU B 238 16.72 10.70 7.00
N VAL B 239 16.42 9.48 6.60
CA VAL B 239 15.31 9.24 5.68
C VAL B 239 13.99 9.44 6.41
N LYS B 240 13.08 10.22 5.80
CA LYS B 240 11.73 10.41 6.28
C LYS B 240 10.78 10.15 5.12
N PHE B 241 9.55 9.74 5.42
CA PHE B 241 8.52 9.59 4.41
C PHE B 241 7.60 10.81 4.54
N ALA B 242 7.57 11.67 3.53
CA ALA B 242 6.82 12.93 3.68
C ALA B 242 5.34 12.76 3.99
N CYS B 243 4.68 11.71 3.46
CA CYS B 243 3.25 11.59 3.64
C CYS B 243 2.86 11.35 5.09
N VAL B 244 3.73 10.69 5.89
CA VAL B 244 3.40 10.36 7.27
C VAL B 244 4.23 11.15 8.26
N ASP B 245 5.48 11.47 7.95
CA ASP B 245 6.34 12.22 8.84
C ASP B 245 6.22 13.72 8.65
N GLY B 246 5.68 14.15 7.48
CA GLY B 246 5.48 15.55 7.18
C GLY B 246 4.06 15.76 6.69
N PRO B 247 3.83 16.54 5.63
CA PRO B 247 4.84 16.91 4.64
C PRO B 247 5.67 18.14 4.98
N GLU B 248 5.41 18.79 6.11
CA GLU B 248 6.21 19.94 6.52
C GLU B 248 7.44 19.50 7.29
N PHE B 249 8.57 20.12 6.95
CA PHE B 249 9.84 19.88 7.63
C PHE B 249 10.61 21.19 7.74
N ASP B 250 11.62 21.18 8.61
CA ASP B 250 12.61 22.25 8.68
C ASP B 250 13.34 22.37 7.34
N ALA B 251 13.08 23.46 6.64
CA ALA B 251 13.60 23.60 5.29
C ALA B 251 15.11 23.60 5.25
N HIS B 252 15.77 24.00 6.34
CA HIS B 252 17.22 24.06 6.35
C HIS B 252 17.88 22.71 6.51
N LEU B 253 17.11 21.67 6.78
CA LEU B 253 17.62 20.32 6.95
C LEU B 253 17.26 19.41 5.78
N VAL B 254 16.51 19.93 4.81
CA VAL B 254 16.02 19.12 3.68
C VAL B 254 17.11 19.06 2.60
N ASP B 255 17.31 17.88 2.04
CA ASP B 255 18.20 17.72 0.86
C ASP B 255 17.39 18.09 -0.39
N TRP B 256 17.46 19.37 -0.73
CA TRP B 256 16.66 19.92 -1.82
C TRP B 256 17.08 19.34 -3.17
N ASP B 257 18.38 19.15 -3.40
CA ASP B 257 18.79 18.61 -4.69
C ASP B 257 18.26 17.18 -4.87
N GLN B 258 18.28 16.39 -3.81
CA GLN B 258 17.73 15.04 -3.89
C GLN B 258 16.24 15.08 -4.21
N LEU B 259 15.49 15.95 -3.51
CA LEU B 259 14.05 16.04 -3.78
C LEU B 259 13.79 16.41 -5.24
N MET B 260 14.51 17.39 -5.76
CA MET B 260 14.27 17.79 -7.15
C MET B 260 14.70 16.70 -8.13
N ASN B 261 15.79 15.98 -7.82
CA ASN B 261 16.17 14.83 -8.65
C ASN B 261 15.04 13.80 -8.69
N ARG B 262 14.51 13.45 -7.53
CA ARG B 262 13.48 12.42 -7.47
C ARG B 262 12.20 12.86 -8.17
N LEU B 263 11.84 14.15 -8.06
CA LEU B 263 10.64 14.64 -8.72
C LEU B 263 10.75 14.56 -10.24
N ALA B 264 11.96 14.53 -10.78
CA ALA B 264 12.14 14.49 -12.23
C ALA B 264 12.13 13.08 -12.84
N TYR B 265 12.06 12.03 -12.04
CA TYR B 265 12.37 10.67 -12.50
C TYR B 265 11.46 10.22 -13.64
N TYR B 266 10.16 10.52 -13.57
CA TYR B 266 9.21 10.00 -14.55
C TYR B 266 8.92 10.99 -15.67
N ARG B 267 9.73 12.03 -15.85
CA ARG B 267 9.40 13.09 -16.81
C ARG B 267 9.06 12.54 -18.19
N ASP B 268 9.84 11.60 -18.71
CA ASP B 268 9.57 11.11 -20.07
C ASP B 268 8.22 10.39 -20.14
N LEU B 269 7.91 9.57 -19.15
CA LEU B 269 6.64 8.84 -19.14
C LEU B 269 5.48 9.79 -18.91
N GLU B 270 5.66 10.80 -18.07
CA GLU B 270 4.62 11.80 -17.88
C GLU B 270 4.26 12.48 -19.19
N LYS B 271 5.29 12.79 -20.00
CA LYS B 271 5.06 13.38 -21.30
C LYS B 271 4.31 12.42 -22.22
N ILE B 272 4.72 11.15 -22.25
CA ILE B 272 4.01 10.17 -23.09
C ILE B 272 2.53 10.10 -22.71
N SER B 273 2.22 10.11 -21.43
CA SER B 273 0.83 9.98 -21.01
C SER B 273 0.03 11.21 -21.40
N LEU B 274 0.58 12.40 -21.17
CA LEU B 274 -0.10 13.61 -21.58
C LEU B 274 -0.30 13.66 -23.09
N GLU B 275 0.73 13.28 -23.86
CA GLU B 275 0.63 13.32 -25.31
C GLU B 275 -0.44 12.37 -25.81
N LYS B 276 -0.58 11.21 -25.17
CA LYS B 276 -1.63 10.26 -25.57
C LYS B 276 -3.01 10.84 -25.32
N TRP B 277 -3.19 11.45 -24.16
CA TRP B 277 -4.49 12.05 -23.86
C TRP B 277 -4.82 13.15 -24.86
N GLU B 278 -3.84 14.00 -25.19
CA GLU B 278 -4.09 15.07 -26.15
C GLU B 278 -4.35 14.53 -27.55
N ARG B 279 -3.59 13.50 -27.97
CA ARG B 279 -3.74 12.96 -29.32
C ARG B 279 -5.13 12.35 -29.50
N GLU B 280 -5.65 11.73 -28.44
CA GLU B 280 -6.91 11.00 -28.55
C GLU B 280 -8.11 11.92 -28.41
N ARG B 281 -7.90 13.23 -28.24
CA ARG B 281 -8.93 14.25 -28.13
C ARG B 281 -8.87 15.26 -29.27
N ARG B 282 -8.13 14.98 -30.34
CA ARG B 282 -7.95 15.96 -31.40
C ARG B 282 -9.19 16.10 -32.28
N MET B 283 -9.76 14.99 -32.71
CA MET B 283 -10.97 15.05 -33.51
C MET B 283 -12.12 15.62 -32.68
N VAL B 284 -13.00 16.39 -33.33
CA VAL B 284 -14.10 17.10 -32.66
C VAL B 284 -15.37 17.17 -33.60
#